data_8YJV
#
_entry.id   8YJV
#
_cell.length_a   1.00
_cell.length_b   1.00
_cell.length_c   1.00
_cell.angle_alpha   90.00
_cell.angle_beta   90.00
_cell.angle_gamma   90.00
#
_symmetry.space_group_name_H-M   'P 1'
#
loop_
_entity.id
_entity.type
_entity.pdbx_description
1 polymer 'Proliferating cell nuclear antigen'
2 polymer 'Flap endonuclease 1'
3 polymer 'upstream DNA'
4 polymer 'parent strand DNA'
5 polymer 'downstream DNA'
6 polymer '5 prime flap DNA'
#
loop_
_entity_poly.entity_id
_entity_poly.type
_entity_poly.pdbx_seq_one_letter_code
_entity_poly.pdbx_strand_id
1 'polypeptide(L)'
;MFEARLVQGSILKKVLEALKDLINEACWDISSSGVNLQSMDSSHVSLVQLTLRSEGFDTYRCDRNLAMGVNLTSMSKILK
CAGNEDIITLRAEDNADTLALVFEAPNQEKVSDYEMKLMDLDVEQLGIPEQEYSCVVKMPSGEFARICRDLSHIGDAVVI
SCAKDGVKFSASGELGNGNIKLSQTSNVDKEEEAVTIEMNEPVQLTFALRYLNFFTKATPLSSTVTLSMSADVPLVVEYK
IADMGHLKYYLAPKIEDEEGS
;
C,A,B
2 'polypeptide(L)'
;MGIQGLAKLIADVAPSAIRENDIKSYFGRKVAIDASMSIYQFLIAVRQGGDVLQNEEGETTSHLMGMFYRTIRMMENGIK
PVYVFDGKPPQLKSGELAKRSERRAEAEKQLQQAQAAGAEQEVEKFTKRLVKVTKQHNDECKHLLSLMGIPYLDAPSEAE
ASCAALVKAGKVYAAATEDMDCLTFGSPVLMRHLTASEAKKLPIQEFHLSRILQELGLNQEQFVDLCILLGSDYCESIRG
IGPKRAVDLIQKHKSIEEIVRRLDPNKYPVPENWLHKEAHQLFLEPEVLDPESVELKWSEPNEEELIKFMCGEKQFSEER
IRSGVKRLSKSRQGSTQGRLDDFFKVTGSLSSAKRKEPEPKGSTKKKAKTGAAGKFKRGK
;
D
3 'polydeoxyribonucleotide' (DT)(DT)(DT)(DT)(DT)(DT)(DT)(DT)(DT)(DT)(DA)(DT)(DA)(DA)(DA)(DA)(DA)(DT)(DT)(DT) J
4 'polydeoxyribonucleotide'
;(DA)(DT)(DT)(DT)(DT)(DA)(DA)(DT)(DA)(DT)(DT)(DA)(DA)(DA)(DT)(DT)(DT)(DT)(DT)(DA)
(DA)(DT)(DA)(DA)(DA)(DA)(DA)(DA)(DA)(DA)(DA)
;
E
5 'polydeoxyribonucleotide' (DA)(DA)(DT)(DA)(DT)(DT)(DA)(DA)(DA)(DA)(DT) F
6 'polydeoxyribonucleotide' (DT)(DT)(DT) H
#
# COMPACT_ATOMS: atom_id res chain seq x y z
N PHE A 2 26.91 -0.24 23.39
CA PHE A 2 26.12 0.88 22.87
C PHE A 2 24.85 1.06 23.70
N GLU A 3 24.70 2.22 24.32
CA GLU A 3 23.59 2.51 25.20
C GLU A 3 23.10 3.92 24.90
N ALA A 4 21.93 4.02 24.26
CA ALA A 4 21.33 5.29 23.88
C ALA A 4 19.95 5.36 24.50
N ARG A 5 19.77 6.24 25.49
CA ARG A 5 18.47 6.43 26.11
C ARG A 5 17.84 7.70 25.55
N LEU A 6 16.74 7.52 24.83
CA LEU A 6 15.98 8.61 24.24
C LEU A 6 14.78 8.90 25.13
N VAL A 7 14.74 10.11 25.70
CA VAL A 7 13.66 10.47 26.60
C VAL A 7 12.36 10.69 25.84
N GLN A 8 12.43 11.45 24.74
CA GLN A 8 11.28 11.63 23.86
C GLN A 8 11.36 10.55 22.80
N GLY A 9 10.76 9.40 23.08
CA GLY A 9 10.77 8.29 22.13
C GLY A 9 9.74 8.41 21.03
N SER A 10 8.85 9.40 21.13
CA SER A 10 7.94 9.71 20.04
C SER A 10 8.70 10.25 18.83
N ILE A 11 9.87 10.86 19.06
CA ILE A 11 10.79 11.26 18.01
C ILE A 11 11.24 10.06 17.20
N LEU A 12 11.63 8.97 17.89
CA LEU A 12 12.12 7.79 17.18
C LEU A 12 10.98 7.03 16.51
N LYS A 13 9.79 7.08 17.11
CA LYS A 13 8.59 6.54 16.46
C LYS A 13 8.26 7.29 15.17
N LYS A 14 8.37 8.61 15.18
CA LYS A 14 8.13 9.40 13.97
C LYS A 14 9.23 9.21 12.94
N VAL A 15 10.49 9.03 13.38
CA VAL A 15 11.61 8.79 12.47
C VAL A 15 11.43 7.47 11.72
N LEU A 16 11.09 6.39 12.44
CA LEU A 16 10.89 5.14 11.72
C LEU A 16 9.54 5.04 11.03
N GLU A 17 8.55 5.87 11.38
CA GLU A 17 7.38 5.97 10.53
C GLU A 17 7.69 6.71 9.25
N ALA A 18 8.59 7.69 9.31
CA ALA A 18 9.04 8.39 8.12
C ALA A 18 9.97 7.52 7.27
N LEU A 19 10.64 6.57 7.90
CA LEU A 19 11.54 5.63 7.25
C LEU A 19 10.86 4.33 6.84
N LYS A 20 9.59 4.13 7.22
CA LYS A 20 8.89 2.88 6.97
C LYS A 20 8.64 2.66 5.48
N ASP A 21 8.16 3.70 4.79
CA ASP A 21 7.61 3.49 3.46
C ASP A 21 8.62 3.75 2.35
N LEU A 22 9.62 4.61 2.61
CA LEU A 22 10.64 4.88 1.59
C LEU A 22 11.56 3.70 1.40
N ILE A 23 12.16 3.23 2.49
CA ILE A 23 13.05 2.07 2.46
C ILE A 23 12.54 1.03 3.44
N ASN A 24 13.03 -0.20 3.28
CA ASN A 24 12.68 -1.27 4.19
C ASN A 24 13.85 -1.81 4.98
N GLU A 25 15.08 -1.59 4.52
CA GLU A 25 16.28 -2.01 5.24
C GLU A 25 17.31 -0.91 5.11
N ALA A 26 17.97 -0.59 6.21
CA ALA A 26 18.98 0.44 6.22
C ALA A 26 20.06 0.09 7.22
N CYS A 27 21.26 0.63 6.98
CA CYS A 27 22.40 0.40 7.86
C CYS A 27 22.65 1.65 8.70
N TRP A 28 22.66 1.49 10.02
CA TRP A 28 22.78 2.60 10.95
C TRP A 28 24.26 2.85 11.23
N ASP A 29 24.77 4.03 10.85
CA ASP A 29 26.16 4.41 11.09
C ASP A 29 26.30 4.95 12.52
N ILE A 30 26.18 4.05 13.49
CA ILE A 30 26.18 4.41 14.89
C ILE A 30 27.62 4.51 15.38
N SER A 31 28.03 5.71 15.73
CA SER A 31 29.35 6.00 16.25
C SER A 31 29.20 6.74 17.58
N SER A 32 30.33 7.16 18.14
CA SER A 32 30.28 7.92 19.38
C SER A 32 29.87 9.38 19.16
N SER A 33 29.98 9.88 17.93
CA SER A 33 29.50 11.22 17.62
C SER A 33 27.97 11.26 17.59
N GLY A 34 27.33 10.18 17.19
CA GLY A 34 25.88 10.12 17.16
C GLY A 34 25.40 8.94 16.35
N VAL A 35 24.08 8.84 16.26
CA VAL A 35 23.42 7.81 15.48
C VAL A 35 23.14 8.37 14.10
N ASN A 36 23.64 7.70 13.07
CA ASN A 36 23.54 8.19 11.70
C ASN A 36 22.90 7.13 10.81
N LEU A 37 22.32 7.58 9.71
CA LEU A 37 21.72 6.66 8.74
C LEU A 37 21.77 7.34 7.37
N GLN A 38 22.74 6.96 6.56
CA GLN A 38 22.84 7.47 5.20
C GLN A 38 22.42 6.33 4.28
N SER A 39 21.12 6.23 4.05
CA SER A 39 20.57 5.13 3.26
C SER A 39 19.89 5.67 2.02
N MET A 40 19.86 4.84 0.99
CA MET A 40 19.38 5.22 -0.32
C MET A 40 18.16 4.34 -0.61
N ASP A 41 17.30 4.81 -1.51
CA ASP A 41 16.06 4.15 -1.89
C ASP A 41 16.31 2.79 -2.54
N SER A 42 15.31 1.91 -2.43
CA SER A 42 15.32 0.61 -3.10
C SER A 42 15.28 0.75 -4.60
N SER A 43 14.62 1.80 -5.10
CA SER A 43 14.66 2.14 -6.51
C SER A 43 15.86 3.00 -6.88
N HIS A 44 16.69 3.34 -5.88
CA HIS A 44 17.98 4.04 -6.03
C HIS A 44 17.82 5.41 -6.66
N VAL A 45 16.74 6.09 -6.29
CA VAL A 45 16.45 7.45 -6.71
C VAL A 45 16.49 8.41 -5.53
N SER A 46 15.74 8.09 -4.48
CA SER A 46 15.76 8.89 -3.27
C SER A 46 16.93 8.52 -2.37
N LEU A 47 17.10 9.31 -1.31
CA LEU A 47 18.09 9.00 -0.29
C LEU A 47 17.57 9.52 1.03
N VAL A 48 18.01 8.89 2.11
CA VAL A 48 17.72 9.35 3.46
C VAL A 48 19.04 9.64 4.13
N GLN A 49 19.25 10.89 4.51
CA GLN A 49 20.34 11.23 5.42
C GLN A 49 19.69 11.52 6.75
N LEU A 50 19.75 10.55 7.65
CA LEU A 50 19.24 10.69 9.00
C LEU A 50 20.41 10.80 9.97
N THR A 51 20.40 11.84 10.80
CA THR A 51 21.50 12.10 11.73
C THR A 51 20.92 12.48 13.07
N LEU A 52 21.21 11.68 14.09
CA LEU A 52 20.77 11.97 15.46
C LEU A 52 22.05 12.11 16.26
N ARG A 53 22.37 13.33 16.70
CA ARG A 53 23.65 13.50 17.37
C ARG A 53 23.58 13.01 18.82
N SER A 54 24.76 12.81 19.41
CA SER A 54 24.86 12.31 20.78
C SER A 54 24.51 13.39 21.80
N GLU A 55 24.55 14.66 21.41
CA GLU A 55 24.16 15.74 22.31
C GLU A 55 22.65 15.83 22.48
N GLY A 56 21.89 15.24 21.56
CA GLY A 56 20.44 15.26 21.67
C GLY A 56 19.84 14.03 22.33
N PHE A 57 20.65 13.00 22.50
CA PHE A 57 20.26 11.84 23.29
C PHE A 57 20.44 12.15 24.78
N ASP A 58 20.08 11.20 25.64
CA ASP A 58 20.34 11.30 27.07
C ASP A 58 21.19 10.12 27.50
N THR A 59 22.37 10.43 28.06
CA THR A 59 23.40 9.47 28.52
C THR A 59 23.80 8.50 27.41
N TYR A 60 24.29 9.07 26.32
CA TYR A 60 24.70 8.28 25.16
C TYR A 60 26.01 7.57 25.43
N ARG A 61 26.10 6.34 24.93
CA ARG A 61 27.33 5.55 25.06
C ARG A 61 27.48 4.73 23.79
N CYS A 62 28.70 4.72 23.24
CA CYS A 62 29.01 3.91 22.07
C CYS A 62 30.49 3.59 22.09
N ASP A 63 30.84 2.32 22.27
CA ASP A 63 32.23 1.93 22.40
C ASP A 63 32.89 1.74 21.03
N ARG A 64 32.38 0.79 20.24
CA ARG A 64 32.93 0.57 18.92
C ARG A 64 32.18 1.41 17.89
N ASN A 65 32.65 1.39 16.65
CA ASN A 65 31.90 1.96 15.53
C ASN A 65 30.96 0.87 15.04
N LEU A 66 29.76 0.84 15.61
CA LEU A 66 28.78 -0.16 15.23
C LEU A 66 28.13 0.19 13.90
N ALA A 67 27.67 -0.84 13.20
CA ALA A 67 26.91 -0.66 11.97
C ALA A 67 26.04 -1.90 11.81
N MET A 68 24.73 -1.75 11.99
CA MET A 68 23.83 -2.89 11.88
C MET A 68 22.73 -2.59 10.85
N GLY A 69 22.28 -3.65 10.19
CA GLY A 69 21.28 -3.55 9.15
C GLY A 69 19.92 -3.97 9.64
N VAL A 70 19.03 -3.01 9.79
CA VAL A 70 17.75 -3.20 10.47
C VAL A 70 16.65 -3.23 9.43
N ASN A 71 15.83 -4.28 9.47
CA ASN A 71 14.58 -4.31 8.72
C ASN A 71 13.64 -3.27 9.31
N LEU A 72 13.45 -2.16 8.60
CA LEU A 72 12.77 -1.00 9.14
C LEU A 72 11.26 -1.18 9.24
N THR A 73 10.68 -2.11 8.49
CA THR A 73 9.28 -2.43 8.68
C THR A 73 9.05 -3.16 9.99
N SER A 74 9.95 -4.10 10.32
CA SER A 74 9.90 -4.76 11.61
C SER A 74 10.29 -3.83 12.74
N MET A 75 11.21 -2.88 12.49
CA MET A 75 11.54 -1.90 13.52
C MET A 75 10.42 -0.90 13.73
N SER A 76 9.67 -0.58 12.68
CA SER A 76 8.51 0.27 12.83
C SER A 76 7.39 -0.44 13.57
N LYS A 77 7.22 -1.75 13.32
CA LYS A 77 6.24 -2.53 14.08
C LYS A 77 6.65 -2.68 15.55
N ILE A 78 7.94 -2.77 15.83
CA ILE A 78 8.39 -2.85 17.22
C ILE A 78 8.30 -1.48 17.90
N LEU A 79 8.63 -0.41 17.19
CA LEU A 79 8.57 0.91 17.79
C LEU A 79 7.15 1.47 17.85
N LYS A 80 6.20 0.89 17.14
CA LYS A 80 4.80 1.29 17.31
C LYS A 80 4.19 0.70 18.58
N CYS A 81 4.87 -0.23 19.25
CA CYS A 81 4.45 -0.65 20.58
C CYS A 81 4.70 0.42 21.64
N ALA A 82 5.64 1.33 21.39
CA ALA A 82 5.92 2.39 22.34
C ALA A 82 4.82 3.44 22.33
N GLY A 83 4.65 4.11 23.47
CA GLY A 83 3.64 5.14 23.61
C GLY A 83 4.11 6.50 23.14
N ASN A 84 3.23 7.49 23.31
CA ASN A 84 3.58 8.84 22.90
C ASN A 84 4.56 9.49 23.87
N GLU A 85 4.39 9.24 25.17
CA GLU A 85 5.28 9.80 26.19
C GLU A 85 6.28 8.75 26.68
N ASP A 86 6.75 7.92 25.77
CA ASP A 86 7.58 6.76 26.09
C ASP A 86 9.05 7.13 26.04
N ILE A 87 9.83 6.52 26.93
CA ILE A 87 11.28 6.68 26.96
C ILE A 87 11.88 5.43 26.35
N ILE A 88 12.55 5.59 25.21
CA ILE A 88 13.06 4.47 24.45
C ILE A 88 14.56 4.36 24.67
N THR A 89 15.01 3.20 25.14
CA THR A 89 16.42 2.94 25.38
C THR A 89 16.93 2.00 24.28
N LEU A 90 17.73 2.53 23.37
CA LEU A 90 18.49 1.69 22.46
C LEU A 90 19.57 0.94 23.23
N ARG A 91 19.81 -0.31 22.83
CA ARG A 91 20.94 -1.07 23.36
C ARG A 91 21.36 -2.08 22.31
N ALA A 92 22.66 -2.31 22.20
CA ALA A 92 23.18 -3.32 21.29
C ALA A 92 24.47 -3.88 21.87
N GLU A 93 24.78 -5.10 21.44
CA GLU A 93 25.98 -5.81 21.89
C GLU A 93 27.12 -5.50 20.92
N ASP A 94 28.21 -6.28 21.03
CA ASP A 94 29.32 -6.10 20.09
C ASP A 94 28.97 -6.63 18.71
N ASN A 95 28.38 -7.82 18.65
CA ASN A 95 28.01 -8.41 17.37
C ASN A 95 26.64 -7.90 16.91
N ALA A 96 26.49 -7.80 15.59
CA ALA A 96 25.23 -7.37 14.98
C ALA A 96 24.30 -8.57 14.90
N ASP A 97 23.69 -8.89 16.04
CA ASP A 97 22.74 -9.98 16.15
C ASP A 97 21.42 -9.58 16.81
N THR A 98 21.47 -8.71 17.82
CA THR A 98 20.30 -8.39 18.64
C THR A 98 20.35 -6.92 19.00
N LEU A 99 19.26 -6.21 18.72
CA LEU A 99 19.12 -4.80 19.06
C LEU A 99 18.01 -4.65 20.08
N ALA A 100 18.38 -4.33 21.31
CA ALA A 100 17.40 -4.20 22.37
C ALA A 100 16.75 -2.82 22.32
N LEU A 101 15.42 -2.80 22.41
CA LEU A 101 14.62 -1.57 22.38
C LEU A 101 13.77 -1.53 23.64
N VAL A 102 14.35 -1.04 24.72
CA VAL A 102 13.66 -0.97 26.00
C VAL A 102 12.78 0.28 26.00
N PHE A 103 11.49 0.10 26.28
CA PHE A 103 10.55 1.22 26.31
C PHE A 103 10.26 1.50 27.78
N GLU A 104 11.00 2.43 28.36
CA GLU A 104 10.78 2.82 29.74
C GLU A 104 9.52 3.67 29.85
N ALA A 105 8.66 3.32 30.78
CA ALA A 105 7.39 4.03 30.97
C ALA A 105 7.64 5.42 31.57
N PRO A 106 6.75 6.38 31.29
CA PRO A 106 6.86 7.68 31.97
C PRO A 106 6.57 7.60 33.47
N ASN A 107 5.71 6.69 33.91
CA ASN A 107 5.44 6.52 35.33
C ASN A 107 6.03 5.22 35.88
N GLN A 108 6.99 4.62 35.15
CA GLN A 108 7.82 3.48 35.59
C GLN A 108 7.01 2.22 35.91
N GLU A 109 5.87 2.04 35.25
CA GLU A 109 5.00 0.91 35.55
C GLU A 109 5.02 -0.16 34.48
N LYS A 110 5.54 0.13 33.29
CA LYS A 110 5.50 -0.81 32.16
C LYS A 110 6.83 -0.68 31.42
N VAL A 111 7.80 -1.51 31.80
CA VAL A 111 9.08 -1.58 31.13
C VAL A 111 8.96 -2.64 30.05
N SER A 112 9.19 -2.25 28.80
CA SER A 112 8.87 -3.08 27.65
C SER A 112 10.17 -3.42 26.92
N ASP A 113 10.74 -4.58 27.23
CA ASP A 113 11.98 -5.00 26.60
C ASP A 113 11.69 -5.62 25.24
N TYR A 114 12.36 -5.12 24.20
CA TYR A 114 12.19 -5.60 22.83
C TYR A 114 13.53 -5.94 22.22
N GLU A 115 13.93 -7.20 22.33
CA GLU A 115 15.04 -7.69 21.54
C GLU A 115 14.59 -7.85 20.09
N MET A 116 15.42 -7.40 19.16
CA MET A 116 15.07 -7.38 17.75
C MET A 116 16.08 -8.19 16.95
N LYS A 117 15.59 -9.12 16.12
CA LYS A 117 16.43 -9.83 15.18
C LYS A 117 16.95 -8.89 14.09
N LEU A 118 18.21 -9.07 13.72
CA LEU A 118 18.87 -8.22 12.74
C LEU A 118 18.99 -8.92 11.40
N MET A 119 19.32 -8.13 10.39
CA MET A 119 19.74 -8.63 9.10
C MET A 119 21.17 -8.20 8.82
N ASP A 120 21.82 -8.94 7.93
CA ASP A 120 23.19 -8.68 7.53
C ASP A 120 23.21 -8.39 6.03
N LEU A 121 22.93 -7.14 5.69
CA LEU A 121 22.91 -6.70 4.30
C LEU A 121 23.88 -5.55 4.11
N ASP A 122 24.28 -5.34 2.85
CA ASP A 122 25.16 -4.26 2.47
C ASP A 122 24.39 -3.27 1.61
N VAL A 123 24.45 -1.99 1.97
CA VAL A 123 23.74 -0.95 1.25
C VAL A 123 24.75 0.05 0.69
N GLU A 124 24.31 0.80 -0.31
CA GLU A 124 25.18 1.71 -1.03
C GLU A 124 25.15 3.09 -0.39
N GLN A 125 26.33 3.63 -0.12
CA GLN A 125 26.46 4.98 0.42
C GLN A 125 26.89 5.93 -0.66
N LEU A 126 26.23 7.06 -0.75
CA LEU A 126 26.57 8.08 -1.72
C LEU A 126 27.39 9.17 -1.05
N GLY A 127 28.40 9.66 -1.75
CA GLY A 127 29.17 10.77 -1.25
C GLY A 127 28.48 12.07 -1.55
N ILE A 128 27.86 12.67 -0.54
CA ILE A 128 27.14 13.93 -0.70
C ILE A 128 28.10 15.07 -0.39
N PRO A 129 28.33 15.99 -1.32
CA PRO A 129 29.15 17.15 -1.00
C PRO A 129 28.38 18.16 -0.17
N GLU A 130 29.11 19.07 0.43
CA GLU A 130 28.54 20.12 1.26
C GLU A 130 28.64 21.43 0.48
N GLN A 131 27.54 21.84 -0.14
CA GLN A 131 27.52 23.01 -1.00
C GLN A 131 26.36 23.91 -0.62
N GLU A 132 26.43 25.15 -1.10
CA GLU A 132 25.38 26.14 -0.88
C GLU A 132 24.35 26.01 -1.99
N TYR A 133 23.15 25.57 -1.65
CA TYR A 133 22.06 25.50 -2.61
C TYR A 133 21.57 26.89 -2.94
N SER A 134 21.16 27.08 -4.19
CA SER A 134 20.79 28.40 -4.67
C SER A 134 19.34 28.78 -4.38
N CYS A 135 18.55 27.89 -3.79
CA CYS A 135 17.17 28.22 -3.47
C CYS A 135 16.74 27.45 -2.23
N VAL A 136 16.83 28.12 -1.07
CA VAL A 136 16.50 27.52 0.21
C VAL A 136 15.09 27.95 0.58
N VAL A 137 14.16 27.00 0.59
CA VAL A 137 12.75 27.26 0.86
C VAL A 137 12.40 26.65 2.20
N LYS A 138 12.08 27.49 3.17
CA LYS A 138 11.64 27.03 4.48
C LYS A 138 10.12 27.14 4.51
N MET A 139 9.45 26.04 4.79
CA MET A 139 8.01 25.95 4.64
C MET A 139 7.41 25.31 5.89
N PRO A 140 6.13 25.55 6.16
CA PRO A 140 5.44 24.74 7.17
C PRO A 140 5.28 23.30 6.69
N SER A 141 5.32 22.38 7.65
CA SER A 141 5.36 20.97 7.30
C SER A 141 4.01 20.42 6.85
N GLY A 142 2.93 20.89 7.48
CA GLY A 142 1.61 20.50 7.05
C GLY A 142 1.25 21.00 5.67
N GLU A 143 1.76 22.18 5.30
CA GLU A 143 1.49 22.70 3.97
C GLU A 143 2.29 21.98 2.91
N PHE A 144 3.53 21.58 3.22
CA PHE A 144 4.30 20.79 2.25
C PHE A 144 3.73 19.39 2.11
N ALA A 145 3.24 18.81 3.21
CA ALA A 145 2.53 17.53 3.18
C ALA A 145 1.28 17.62 2.33
N ARG A 146 0.50 18.70 2.52
CA ARG A 146 -0.74 18.90 1.78
C ARG A 146 -0.48 19.11 0.30
N ILE A 147 0.57 19.87 -0.03
CA ILE A 147 0.95 20.15 -1.42
C ILE A 147 1.35 18.88 -2.15
N CYS A 148 2.14 18.03 -1.50
CA CYS A 148 2.54 16.77 -2.11
C CYS A 148 1.37 15.80 -2.24
N ARG A 149 0.54 15.66 -1.20
CA ARG A 149 -0.54 14.67 -1.28
C ARG A 149 -1.70 15.13 -2.14
N ASP A 150 -1.82 16.42 -2.44
CA ASP A 150 -2.91 16.80 -3.32
C ASP A 150 -2.48 17.04 -4.75
N LEU A 151 -1.21 17.41 -4.98
CA LEU A 151 -0.72 17.42 -6.34
C LEU A 151 -0.48 16.02 -6.87
N SER A 152 -0.31 15.02 -6.00
CA SER A 152 -0.18 13.66 -6.49
C SER A 152 -1.50 13.07 -6.98
N HIS A 153 -2.63 13.67 -6.61
CA HIS A 153 -3.91 13.20 -7.14
C HIS A 153 -4.04 13.53 -8.62
N ILE A 154 -3.57 14.70 -9.02
CA ILE A 154 -3.75 15.18 -10.39
C ILE A 154 -2.49 15.10 -11.21
N GLY A 155 -1.36 14.72 -10.62
CA GLY A 155 -0.11 14.76 -11.32
C GLY A 155 0.77 13.58 -10.97
N ASP A 156 1.74 13.35 -11.83
CA ASP A 156 2.82 12.40 -11.59
C ASP A 156 4.09 13.08 -11.14
N ALA A 157 4.21 14.39 -11.31
CA ALA A 157 5.43 15.13 -11.03
C ALA A 157 5.12 16.59 -10.78
N VAL A 158 5.71 17.16 -9.73
CA VAL A 158 5.71 18.60 -9.54
C VAL A 158 6.66 19.25 -10.52
N VAL A 159 6.41 20.51 -10.84
CA VAL A 159 7.40 21.36 -11.49
C VAL A 159 7.60 22.53 -10.53
N ILE A 160 8.55 22.39 -9.62
CA ILE A 160 8.76 23.40 -8.58
C ILE A 160 9.51 24.57 -9.17
N SER A 161 8.84 25.71 -9.29
CA SER A 161 9.43 26.90 -9.88
C SER A 161 9.54 27.98 -8.82
N CYS A 162 10.75 28.51 -8.64
CA CYS A 162 10.96 29.63 -7.74
C CYS A 162 11.08 30.92 -8.52
N ALA A 163 10.77 32.03 -7.85
CA ALA A 163 10.84 33.36 -8.45
C ALA A 163 11.04 34.39 -7.35
N LYS A 164 10.87 35.66 -7.70
CA LYS A 164 10.81 36.71 -6.70
C LYS A 164 9.54 36.60 -5.85
N ASP A 165 8.43 36.19 -6.47
CA ASP A 165 7.16 36.10 -5.75
C ASP A 165 7.15 34.92 -4.78
N GLY A 166 7.64 33.78 -5.20
CA GLY A 166 7.70 32.61 -4.34
C GLY A 166 7.62 31.34 -5.14
N VAL A 167 7.55 30.24 -4.41
CA VAL A 167 7.61 28.92 -5.04
C VAL A 167 6.27 28.55 -5.64
N LYS A 168 6.31 27.74 -6.69
CA LYS A 168 5.16 27.48 -7.54
C LYS A 168 5.15 25.98 -7.81
N PHE A 169 4.40 25.25 -7.00
CA PHE A 169 4.32 23.79 -7.14
C PHE A 169 3.31 23.49 -8.22
N SER A 170 3.77 23.36 -9.45
CA SER A 170 2.91 23.11 -10.60
C SER A 170 2.96 21.64 -10.96
N ALA A 171 1.80 21.00 -11.04
CA ALA A 171 1.71 19.61 -11.45
C ALA A 171 0.86 19.49 -12.69
N SER A 172 1.19 18.50 -13.52
CA SER A 172 0.48 18.26 -14.76
C SER A 172 0.12 16.79 -14.86
N GLY A 173 -1.01 16.49 -15.47
CA GLY A 173 -1.41 15.12 -15.61
C GLY A 173 -2.48 14.94 -16.67
N GLU A 174 -3.00 13.72 -16.73
CA GLU A 174 -4.12 13.37 -17.60
C GLU A 174 -5.46 13.70 -16.97
N LEU A 175 -5.45 14.25 -15.76
CA LEU A 175 -6.66 14.51 -15.00
C LEU A 175 -7.06 15.98 -15.08
N GLY A 176 -6.10 16.87 -15.25
CA GLY A 176 -6.29 18.31 -15.28
C GLY A 176 -5.02 18.99 -14.81
N ASN A 177 -4.74 20.16 -15.37
CA ASN A 177 -3.53 20.89 -15.06
C ASN A 177 -3.63 21.56 -13.69
N GLY A 178 -2.54 21.53 -12.94
CA GLY A 178 -2.56 22.07 -11.60
C GLY A 178 -1.48 23.08 -11.32
N ASN A 179 -1.65 23.84 -10.23
CA ASN A 179 -0.73 24.92 -9.88
C ASN A 179 -0.99 25.26 -8.42
N ILE A 180 0.06 25.25 -7.61
CA ILE A 180 0.00 25.76 -6.24
C ILE A 180 1.13 26.75 -6.07
N LYS A 181 0.79 28.02 -5.86
CA LYS A 181 1.77 29.08 -5.69
C LYS A 181 1.84 29.44 -4.22
N LEU A 182 3.03 29.79 -3.75
CA LEU A 182 3.23 30.26 -2.38
C LEU A 182 3.97 31.58 -2.44
N SER A 183 3.93 32.33 -1.35
CA SER A 183 4.57 33.62 -1.28
C SER A 183 5.26 33.79 0.06
N GLN A 184 6.47 34.33 0.04
CA GLN A 184 7.21 34.55 1.28
C GLN A 184 6.66 35.77 2.02
N THR A 185 6.67 35.70 3.35
CA THR A 185 6.18 36.77 4.21
C THR A 185 7.26 37.16 5.23
N SER A 186 7.90 38.29 4.97
CA SER A 186 8.82 38.90 5.92
C SER A 186 8.15 39.99 6.76
N ASN A 187 6.86 40.24 6.54
CA ASN A 187 6.14 41.29 7.25
C ASN A 187 5.53 40.81 8.55
N VAL A 188 5.00 39.60 8.57
CA VAL A 188 4.35 39.08 9.77
C VAL A 188 5.36 38.63 10.82
N ASP A 189 6.60 38.29 10.39
CA ASP A 189 7.70 37.78 11.22
C ASP A 189 7.29 36.58 12.06
N LYS A 190 6.61 35.64 11.41
CA LYS A 190 6.06 34.48 12.10
C LYS A 190 7.14 33.44 12.34
N GLU A 191 6.78 32.38 13.07
CA GLU A 191 7.74 31.40 13.54
C GLU A 191 7.63 30.04 12.87
N GLU A 192 6.43 29.55 12.55
CA GLU A 192 6.29 28.20 12.02
C GLU A 192 5.36 28.15 10.82
N GLU A 193 4.42 29.09 10.74
CA GLU A 193 3.47 29.11 9.66
C GLU A 193 3.91 29.98 8.50
N ALA A 194 5.10 30.57 8.58
CA ALA A 194 5.61 31.44 7.54
C ALA A 194 6.39 30.65 6.50
N VAL A 195 6.56 31.26 5.34
CA VAL A 195 7.37 30.71 4.26
C VAL A 195 8.57 31.61 4.09
N THR A 196 9.77 31.04 4.23
CA THR A 196 11.02 31.77 4.07
C THR A 196 11.72 31.22 2.83
N ILE A 197 11.94 32.09 1.85
CA ILE A 197 12.53 31.70 0.58
C ILE A 197 13.76 32.54 0.34
N GLU A 198 14.92 31.90 0.32
CA GLU A 198 16.17 32.54 -0.10
C GLU A 198 16.39 32.19 -1.56
N MET A 199 16.70 33.18 -2.37
CA MET A 199 16.85 32.97 -3.81
C MET A 199 18.24 33.41 -4.25
N ASN A 200 18.82 32.65 -5.17
CA ASN A 200 19.93 33.12 -5.99
C ASN A 200 19.56 33.07 -7.48
N GLU A 201 19.02 31.94 -7.92
CA GLU A 201 18.58 31.75 -9.28
C GLU A 201 17.12 31.32 -9.24
N PRO A 202 16.30 31.79 -10.16
CA PRO A 202 14.91 31.30 -10.23
C PRO A 202 14.84 29.90 -10.81
N VAL A 203 15.08 28.89 -9.98
CA VAL A 203 15.24 27.52 -10.45
C VAL A 203 13.86 26.92 -10.76
N GLN A 204 13.81 26.08 -11.78
CA GLN A 204 12.61 25.36 -12.16
C GLN A 204 13.01 23.92 -12.43
N LEU A 205 12.68 23.03 -11.50
CA LEU A 205 13.05 21.63 -11.63
C LEU A 205 11.83 20.75 -11.42
N THR A 206 11.86 19.61 -12.08
CA THR A 206 10.76 18.65 -12.09
C THR A 206 11.16 17.48 -11.21
N PHE A 207 10.41 17.23 -10.14
CA PHE A 207 10.69 16.15 -9.23
C PHE A 207 9.53 15.17 -9.24
N ALA A 208 9.85 13.89 -9.03
CA ALA A 208 8.81 12.89 -8.92
C ALA A 208 8.06 13.07 -7.61
N LEU A 209 6.75 12.91 -7.69
CA LEU A 209 5.89 13.36 -6.61
C LEU A 209 5.48 12.21 -5.70
N ARG A 210 5.65 10.99 -6.18
CA ARG A 210 5.48 9.81 -5.36
C ARG A 210 6.54 9.77 -4.26
N TYR A 211 7.80 10.08 -4.62
CA TYR A 211 8.87 10.12 -3.64
C TYR A 211 8.72 11.30 -2.70
N LEU A 212 8.09 12.38 -3.16
CA LEU A 212 7.77 13.47 -2.23
C LEU A 212 6.66 13.09 -1.27
N ASN A 213 5.73 12.22 -1.69
CA ASN A 213 4.78 11.64 -0.73
C ASN A 213 5.44 10.71 0.27
N PHE A 214 6.50 10.00 -0.14
CA PHE A 214 7.25 9.24 0.85
C PHE A 214 8.02 10.16 1.79
N PHE A 215 8.41 11.34 1.28
CA PHE A 215 9.21 12.28 2.11
C PHE A 215 8.31 12.96 3.15
N THR A 216 7.05 13.22 2.80
CA THR A 216 6.14 13.97 3.70
C THR A 216 5.64 13.10 4.85
N LYS A 217 6.32 11.99 5.13
CA LYS A 217 5.96 11.15 6.30
C LYS A 217 6.79 11.62 7.50
N ALA A 218 7.73 12.53 7.26
CA ALA A 218 8.58 13.07 8.35
C ALA A 218 8.01 14.41 8.82
N THR A 219 6.87 14.81 8.25
CA THR A 219 6.25 16.11 8.62
C THR A 219 6.04 16.21 10.15
N PRO A 220 5.58 15.18 10.89
CA PRO A 220 5.47 15.29 12.36
C PRO A 220 6.80 15.54 13.08
N LEU A 221 7.93 15.32 12.41
CA LEU A 221 9.26 15.47 13.08
C LEU A 221 9.71 16.93 13.03
N SER A 222 9.24 17.70 12.04
CA SER A 222 9.75 19.09 11.90
C SER A 222 8.70 20.00 11.27
N SER A 223 8.19 20.98 12.03
CA SER A 223 7.25 21.97 11.45
C SER A 223 7.98 22.74 10.34
N THR A 224 9.29 22.91 10.48
CA THR A 224 10.10 23.64 9.47
C THR A 224 10.65 22.66 8.44
N VAL A 225 10.24 22.79 7.17
CA VAL A 225 10.75 21.93 6.11
C VAL A 225 11.61 22.77 5.19
N THR A 226 12.87 22.41 5.07
CA THR A 226 13.82 23.19 4.31
C THR A 226 14.03 22.51 2.96
N LEU A 227 13.34 23.00 1.94
CA LEU A 227 13.58 22.58 0.56
C LEU A 227 14.72 23.41 0.02
N SER A 228 15.89 22.80 -0.10
CA SER A 228 17.04 23.47 -0.68
C SER A 228 17.35 22.82 -2.03
N MET A 229 17.42 23.64 -3.07
CA MET A 229 17.64 23.15 -4.42
C MET A 229 18.40 24.20 -5.23
N SER A 230 19.03 23.72 -6.30
CA SER A 230 19.60 24.59 -7.31
C SER A 230 19.42 23.94 -8.67
N ALA A 231 20.01 24.52 -9.71
CA ALA A 231 19.81 24.06 -11.08
C ALA A 231 20.56 22.75 -11.29
N ASP A 232 19.82 21.70 -11.64
CA ASP A 232 20.24 20.33 -11.97
C ASP A 232 20.96 19.64 -10.81
N VAL A 233 20.73 20.07 -9.58
CA VAL A 233 21.26 19.45 -8.37
C VAL A 233 20.04 18.93 -7.63
N PRO A 234 20.07 17.74 -7.04
CA PRO A 234 18.87 17.16 -6.42
C PRO A 234 18.38 17.92 -5.19
N LEU A 235 17.06 17.87 -5.01
CA LEU A 235 16.36 18.53 -3.92
C LEU A 235 16.70 17.87 -2.60
N VAL A 236 17.10 18.65 -1.61
CA VAL A 236 17.22 18.13 -0.25
C VAL A 236 16.06 18.70 0.57
N VAL A 237 15.35 17.81 1.25
CA VAL A 237 14.15 18.14 2.00
C VAL A 237 14.47 17.92 3.47
N GLU A 238 14.87 18.97 4.16
CA GLU A 238 15.42 18.84 5.51
C GLU A 238 14.31 19.00 6.53
N TYR A 239 14.02 17.94 7.27
CA TYR A 239 13.15 17.99 8.43
C TYR A 239 14.04 18.03 9.66
N LYS A 240 14.26 19.23 10.20
CA LYS A 240 15.09 19.41 11.37
C LYS A 240 14.35 18.87 12.59
N ILE A 241 14.88 17.80 13.17
CA ILE A 241 14.34 17.19 14.37
C ILE A 241 14.60 18.11 15.56
N ALA A 242 13.81 17.97 16.64
CA ALA A 242 13.91 18.80 17.83
C ALA A 242 15.22 18.54 18.55
N ASP A 243 16.15 19.49 18.35
CA ASP A 243 17.54 19.71 18.80
C ASP A 243 18.40 18.46 18.86
N MET A 244 18.16 17.49 17.97
CA MET A 244 19.04 16.35 17.89
C MET A 244 19.83 16.33 16.59
N GLY A 245 19.18 16.69 15.49
CA GLY A 245 19.80 16.62 14.18
C GLY A 245 18.75 16.80 13.10
N HIS A 246 18.98 16.16 11.97
CA HIS A 246 18.19 16.37 10.78
C HIS A 246 17.81 15.03 10.17
N LEU A 247 16.73 15.05 9.40
CA LEU A 247 16.32 13.93 8.55
C LEU A 247 16.26 14.48 7.14
N LYS A 248 17.36 14.35 6.41
CA LYS A 248 17.51 14.99 5.12
C LYS A 248 17.13 14.01 4.03
N TYR A 249 16.19 14.39 3.19
CA TYR A 249 15.71 13.55 2.11
C TYR A 249 16.19 14.11 0.78
N TYR A 250 16.96 13.31 0.05
CA TYR A 250 17.50 13.72 -1.24
C TYR A 250 16.64 13.10 -2.34
N LEU A 251 16.50 13.80 -3.46
CA LEU A 251 15.69 13.31 -4.58
C LEU A 251 16.15 13.90 -5.90
N ALA A 252 16.47 13.01 -6.84
CA ALA A 252 16.94 13.30 -8.19
C ALA A 252 15.86 13.99 -9.00
N PRO A 253 16.17 15.07 -9.70
CA PRO A 253 15.18 15.68 -10.58
C PRO A 253 14.94 14.88 -11.84
N LYS A 254 13.77 15.10 -12.45
CA LYS A 254 13.41 14.41 -13.67
C LYS A 254 14.18 14.94 -14.86
N GLY B 2 28.24 -19.59 -22.25
CA GLY B 2 28.04 -21.02 -22.10
C GLY B 2 29.28 -21.66 -21.53
N ILE B 3 30.01 -20.87 -20.74
CA ILE B 3 31.26 -21.34 -20.15
C ILE B 3 30.94 -22.26 -18.99
N GLN B 4 31.50 -23.47 -19.03
CA GLN B 4 31.21 -24.51 -18.05
C GLN B 4 31.84 -24.13 -16.71
N GLY B 5 31.00 -23.76 -15.75
CA GLY B 5 31.46 -23.46 -14.42
C GLY B 5 32.17 -22.12 -14.30
N LEU B 6 31.48 -21.05 -14.68
CA LEU B 6 31.98 -19.70 -14.43
C LEU B 6 31.17 -18.95 -13.39
N ALA B 7 29.85 -19.15 -13.36
CA ALA B 7 29.01 -18.54 -12.34
C ALA B 7 29.33 -19.07 -10.96
N LYS B 8 29.51 -20.39 -10.86
CA LYS B 8 29.95 -20.99 -9.59
C LYS B 8 31.40 -20.63 -9.28
N LEU B 9 32.21 -20.37 -10.32
CA LEU B 9 33.60 -19.98 -10.11
C LEU B 9 33.72 -18.60 -9.47
N ILE B 10 32.97 -17.63 -10.00
CA ILE B 10 32.98 -16.31 -9.38
C ILE B 10 32.16 -16.32 -8.09
N ALA B 11 31.21 -17.24 -7.93
CA ALA B 11 30.49 -17.36 -6.67
C ALA B 11 31.35 -17.96 -5.56
N ASP B 12 32.34 -18.79 -5.92
CA ASP B 12 33.14 -19.50 -4.94
C ASP B 12 34.60 -19.07 -4.89
N VAL B 13 35.01 -18.09 -5.70
CA VAL B 13 36.37 -17.57 -5.68
C VAL B 13 36.39 -16.09 -5.33
N ALA B 14 35.64 -15.27 -6.06
CA ALA B 14 35.58 -13.83 -5.82
C ALA B 14 34.14 -13.38 -5.66
N PRO B 15 33.54 -13.60 -4.50
CA PRO B 15 32.11 -13.28 -4.34
C PRO B 15 31.82 -11.81 -4.13
N SER B 16 32.84 -10.95 -4.00
CA SER B 16 32.61 -9.52 -3.90
C SER B 16 32.20 -8.89 -5.21
N ALA B 17 32.51 -9.55 -6.34
CA ALA B 17 32.10 -9.03 -7.64
C ALA B 17 30.62 -9.23 -7.89
N ILE B 18 30.10 -10.41 -7.55
CA ILE B 18 28.69 -10.71 -7.73
C ILE B 18 27.89 -10.00 -6.66
N ARG B 19 27.17 -8.96 -7.04
CA ARG B 19 26.29 -8.23 -6.13
C ARG B 19 24.86 -8.56 -6.51
N GLU B 20 24.11 -9.11 -5.57
CA GLU B 20 22.70 -9.40 -5.79
C GLU B 20 21.90 -8.12 -5.59
N ASN B 21 21.05 -7.79 -6.56
CA ASN B 21 20.29 -6.55 -6.52
C ASN B 21 18.86 -6.83 -6.92
N ASP B 22 17.98 -5.90 -6.57
CA ASP B 22 16.58 -5.99 -6.97
C ASP B 22 16.42 -5.55 -8.42
N ILE B 23 15.26 -5.86 -8.99
CA ILE B 23 14.95 -5.35 -10.31
C ILE B 23 14.58 -3.87 -10.25
N LYS B 24 14.12 -3.39 -9.09
CA LYS B 24 13.79 -1.98 -8.94
C LYS B 24 15.02 -1.10 -8.84
N SER B 25 16.18 -1.66 -8.50
CA SER B 25 17.39 -0.90 -8.21
C SER B 25 18.15 -0.46 -9.45
N TYR B 26 17.62 -0.72 -10.65
CA TYR B 26 18.25 -0.34 -11.90
C TYR B 26 17.41 0.70 -12.62
N PHE B 27 16.89 1.67 -11.87
CA PHE B 27 16.04 2.71 -12.42
C PHE B 27 16.83 3.64 -13.34
N GLY B 28 16.29 3.89 -14.53
CA GLY B 28 16.94 4.74 -15.48
C GLY B 28 18.17 4.15 -16.13
N ARG B 29 18.33 2.83 -16.06
CA ARG B 29 19.51 2.16 -16.61
C ARG B 29 19.14 1.62 -17.98
N LYS B 30 19.74 2.19 -19.02
CA LYS B 30 19.68 1.58 -20.34
C LYS B 30 20.47 0.29 -20.31
N VAL B 31 19.83 -0.83 -20.60
CA VAL B 31 20.48 -2.13 -20.52
C VAL B 31 20.23 -2.91 -21.80
N ALA B 32 21.18 -3.77 -22.14
CA ALA B 32 21.16 -4.54 -23.38
C ALA B 32 20.86 -5.99 -23.07
N ILE B 33 19.82 -6.53 -23.70
CA ILE B 33 19.33 -7.88 -23.44
C ILE B 33 19.53 -8.71 -24.70
N ASP B 34 20.17 -9.86 -24.56
CA ASP B 34 20.22 -10.86 -25.63
C ASP B 34 18.82 -11.35 -25.92
N ALA B 35 18.43 -11.31 -27.19
CA ALA B 35 17.06 -11.61 -27.54
C ALA B 35 16.79 -13.08 -27.71
N SER B 36 17.75 -13.85 -28.25
CA SER B 36 17.50 -15.26 -28.57
C SER B 36 17.40 -16.13 -27.33
N MET B 37 18.13 -15.77 -26.27
CA MET B 37 18.00 -16.43 -24.98
C MET B 37 16.61 -16.19 -24.40
N SER B 38 16.10 -14.97 -24.56
CA SER B 38 14.74 -14.64 -24.13
C SER B 38 13.69 -15.40 -24.92
N ILE B 39 13.86 -15.50 -26.25
CA ILE B 39 12.92 -16.23 -27.12
C ILE B 39 12.90 -17.73 -26.77
N TYR B 40 14.07 -18.32 -26.49
CA TYR B 40 14.10 -19.70 -26.01
C TYR B 40 13.47 -19.86 -24.63
N GLN B 41 13.58 -18.85 -23.77
CA GLN B 41 12.87 -18.87 -22.49
C GLN B 41 11.35 -18.82 -22.69
N PHE B 42 10.87 -18.05 -23.67
CA PHE B 42 9.43 -17.92 -23.84
C PHE B 42 8.81 -19.09 -24.60
N LEU B 43 9.54 -19.70 -25.54
CA LEU B 43 9.04 -20.93 -26.17
C LEU B 43 9.37 -22.20 -25.41
N ILE B 44 10.09 -22.13 -24.30
CA ILE B 44 10.19 -23.27 -23.41
C ILE B 44 9.22 -23.15 -22.24
N ALA B 45 9.15 -21.98 -21.61
CA ALA B 45 8.38 -21.86 -20.37
C ALA B 45 6.89 -21.72 -20.59
N VAL B 46 6.45 -21.11 -21.69
CA VAL B 46 5.05 -20.76 -21.88
C VAL B 46 4.43 -21.81 -22.78
N ARG B 47 3.90 -22.87 -22.18
CA ARG B 47 3.27 -23.97 -22.89
C ARG B 47 1.92 -24.28 -22.25
N GLN B 48 1.03 -24.85 -23.04
CA GLN B 48 -0.20 -25.47 -22.52
C GLN B 48 -0.37 -26.86 -23.13
N GLY B 49 -0.71 -27.82 -22.27
CA GLY B 49 -1.18 -29.14 -22.68
C GLY B 49 -0.23 -30.00 -23.49
N GLY B 50 1.07 -29.69 -23.47
CA GLY B 50 2.00 -30.29 -24.39
C GLY B 50 2.20 -29.54 -25.69
N ASP B 51 1.68 -28.32 -25.80
CA ASP B 51 1.76 -27.54 -27.03
C ASP B 51 2.27 -26.14 -26.70
N VAL B 52 2.90 -25.52 -27.70
CA VAL B 52 3.31 -24.13 -27.58
C VAL B 52 2.09 -23.25 -27.75
N LEU B 53 2.13 -22.03 -27.20
CA LEU B 53 1.01 -21.11 -27.28
C LEU B 53 0.89 -20.57 -28.71
N GLN B 54 -0.23 -20.89 -29.36
CA GLN B 54 -0.43 -20.60 -30.78
C GLN B 54 -1.73 -19.85 -30.98
N ASN B 55 -1.88 -19.24 -32.15
CA ASN B 55 -3.12 -18.58 -32.53
C ASN B 55 -4.01 -19.55 -33.28
N GLU B 56 -5.07 -19.05 -33.92
CA GLU B 56 -5.95 -19.91 -34.69
C GLU B 56 -5.43 -20.22 -36.08
N GLU B 57 -4.36 -19.56 -36.52
CA GLU B 57 -3.76 -19.81 -37.83
C GLU B 57 -2.64 -20.83 -37.79
N GLY B 58 -2.30 -21.37 -36.62
CA GLY B 58 -1.21 -22.31 -36.52
C GLY B 58 0.17 -21.69 -36.45
N GLU B 59 0.26 -20.39 -36.24
CA GLU B 59 1.54 -19.71 -36.08
C GLU B 59 1.96 -19.71 -34.62
N THR B 60 3.25 -19.85 -34.38
CA THR B 60 3.76 -19.75 -33.02
C THR B 60 3.71 -18.30 -32.56
N THR B 61 3.22 -18.08 -31.33
CA THR B 61 3.13 -16.73 -30.79
C THR B 61 3.43 -16.65 -29.30
N SER B 62 4.06 -17.69 -28.73
CA SER B 62 4.45 -17.66 -27.33
C SER B 62 5.60 -16.70 -27.07
N HIS B 63 6.50 -16.54 -28.05
CA HIS B 63 7.62 -15.61 -27.93
C HIS B 63 7.15 -14.16 -27.89
N LEU B 64 6.11 -13.82 -28.66
CA LEU B 64 5.60 -12.46 -28.68
C LEU B 64 4.89 -12.13 -27.38
N MET B 65 4.18 -13.11 -26.85
CA MET B 65 3.53 -13.05 -25.53
C MET B 65 4.53 -12.79 -24.41
N GLY B 66 5.58 -13.61 -24.36
CA GLY B 66 6.59 -13.46 -23.32
C GLY B 66 7.42 -12.19 -23.47
N MET B 67 7.73 -11.82 -24.73
CA MET B 67 8.47 -10.58 -24.99
C MET B 67 7.67 -9.35 -24.62
N PHE B 68 6.37 -9.36 -24.92
CA PHE B 68 5.52 -8.23 -24.60
C PHE B 68 5.38 -8.04 -23.09
N TYR B 69 5.07 -9.13 -22.36
CA TYR B 69 4.85 -8.98 -20.93
C TYR B 69 6.14 -8.75 -20.16
N ARG B 70 7.24 -9.42 -20.54
CA ARG B 70 8.51 -9.20 -19.86
C ARG B 70 9.08 -7.83 -20.16
N THR B 71 8.93 -7.33 -21.40
CA THR B 71 9.46 -6.02 -21.75
C THR B 71 8.66 -4.89 -21.09
N ILE B 72 7.34 -5.08 -20.92
CA ILE B 72 6.53 -4.17 -20.10
C ILE B 72 7.02 -4.18 -18.65
N ARG B 73 7.33 -5.36 -18.12
CA ARG B 73 7.89 -5.45 -16.78
C ARG B 73 9.30 -4.88 -16.66
N MET B 74 10.05 -4.79 -17.77
CA MET B 74 11.26 -3.99 -17.77
C MET B 74 10.92 -2.51 -17.65
N MET B 75 9.79 -2.08 -18.26
CA MET B 75 9.43 -0.66 -18.20
C MET B 75 8.99 -0.22 -16.80
N GLU B 76 8.19 -1.01 -16.06
CA GLU B 76 7.77 -0.49 -14.74
C GLU B 76 8.89 -0.54 -13.71
N ASN B 77 9.88 -1.42 -13.88
CA ASN B 77 10.97 -1.46 -12.93
C ASN B 77 12.00 -0.35 -13.15
N GLY B 78 11.85 0.43 -14.20
CA GLY B 78 12.68 1.59 -14.44
C GLY B 78 13.78 1.36 -15.44
N ILE B 79 14.03 0.12 -15.84
CA ILE B 79 15.16 -0.13 -16.71
C ILE B 79 14.72 0.10 -18.15
N LYS B 80 15.70 0.36 -19.01
CA LYS B 80 15.42 0.72 -20.40
C LYS B 80 16.03 -0.34 -21.31
N PRO B 81 15.22 -1.26 -21.83
CA PRO B 81 15.79 -2.40 -22.58
C PRO B 81 16.29 -2.02 -23.96
N VAL B 82 17.34 -2.72 -24.36
CA VAL B 82 17.84 -2.76 -25.72
C VAL B 82 17.89 -4.22 -26.12
N TYR B 83 17.18 -4.58 -27.18
CA TYR B 83 17.12 -5.99 -27.56
C TYR B 83 18.11 -6.24 -28.68
N VAL B 84 19.32 -6.61 -28.30
CA VAL B 84 20.38 -6.95 -29.24
C VAL B 84 20.06 -8.34 -29.77
N PHE B 85 19.55 -8.41 -30.99
CA PHE B 85 19.20 -9.70 -31.56
C PHE B 85 20.45 -10.41 -32.06
N ASP B 86 20.34 -11.73 -32.16
CA ASP B 86 21.48 -12.56 -32.53
C ASP B 86 21.71 -12.43 -34.03
N GLY B 87 22.96 -12.58 -34.43
CA GLY B 87 23.31 -12.58 -35.84
C GLY B 87 23.98 -13.87 -36.25
N LYS B 88 24.80 -13.80 -37.29
CA LYS B 88 25.51 -14.97 -37.79
C LYS B 88 26.60 -15.37 -36.82
N PRO B 89 26.61 -16.62 -36.32
CA PRO B 89 27.67 -17.03 -35.40
C PRO B 89 28.98 -17.21 -36.14
N PRO B 90 30.12 -17.07 -35.46
CA PRO B 90 31.41 -17.21 -36.13
C PRO B 90 31.72 -18.66 -36.48
N GLN B 91 32.77 -18.82 -37.29
CA GLN B 91 33.13 -20.10 -37.87
C GLN B 91 33.69 -21.10 -36.87
N LEU B 92 34.05 -20.67 -35.67
CA LEU B 92 34.54 -21.57 -34.64
C LEU B 92 33.42 -22.15 -33.78
N LYS B 93 32.18 -21.73 -34.01
CA LYS B 93 31.04 -22.28 -33.30
C LYS B 93 30.41 -23.47 -34.02
N SER B 94 31.07 -23.98 -35.06
CA SER B 94 30.50 -25.03 -35.90
C SER B 94 30.36 -26.35 -35.14
N GLY B 95 31.36 -26.67 -34.32
CA GLY B 95 31.26 -27.85 -33.47
C GLY B 95 30.18 -27.75 -32.41
N GLU B 96 29.97 -26.54 -31.88
CA GLU B 96 28.93 -26.35 -30.87
C GLU B 96 27.53 -26.42 -31.47
N LEU B 97 27.33 -25.83 -32.66
CA LEU B 97 26.03 -25.95 -33.29
C LEU B 97 25.78 -27.36 -33.85
N ALA B 98 26.85 -28.08 -34.23
CA ALA B 98 26.69 -29.49 -34.59
C ALA B 98 26.35 -30.34 -33.39
N LYS B 99 26.92 -30.01 -32.21
CA LYS B 99 26.57 -30.70 -30.97
C LYS B 99 25.14 -30.39 -30.55
N ARG B 100 24.70 -29.15 -30.77
CA ARG B 100 23.31 -28.78 -30.49
C ARG B 100 22.34 -29.49 -31.44
N SER B 101 22.71 -29.63 -32.72
CA SER B 101 21.86 -30.34 -33.66
C SER B 101 21.83 -31.84 -33.38
N GLU B 102 22.95 -32.40 -32.91
CA GLU B 102 22.95 -33.80 -32.45
C GLU B 102 22.07 -33.99 -31.22
N ARG B 103 22.08 -33.00 -30.31
CA ARG B 103 21.21 -33.05 -29.13
C ARG B 103 19.74 -32.93 -29.51
N ARG B 104 19.41 -32.06 -30.47
CA ARG B 104 18.02 -31.92 -30.89
C ARG B 104 17.53 -33.11 -31.70
N ALA B 105 18.42 -33.74 -32.49
CA ALA B 105 18.05 -34.95 -33.21
C ALA B 105 17.88 -36.14 -32.25
N GLU B 106 18.72 -36.21 -31.21
CA GLU B 106 18.55 -37.23 -30.17
C GLU B 106 17.26 -37.01 -29.40
N ALA B 107 16.93 -35.74 -29.12
CA ALA B 107 15.65 -35.42 -28.47
C ALA B 107 14.46 -35.73 -29.37
N GLU B 108 14.62 -35.59 -30.69
CA GLU B 108 13.56 -35.96 -31.62
C GLU B 108 13.37 -37.48 -31.68
N LYS B 109 14.47 -38.24 -31.64
CA LYS B 109 14.31 -39.69 -31.71
C LYS B 109 13.78 -40.29 -30.39
N GLN B 110 14.13 -39.70 -29.24
CA GLN B 110 13.49 -40.16 -28.02
C GLN B 110 12.10 -39.56 -27.84
N LEU B 111 11.79 -38.46 -28.54
CA LEU B 111 10.42 -37.99 -28.63
C LEU B 111 9.54 -38.97 -29.41
N GLN B 112 10.07 -39.50 -30.51
CA GLN B 112 9.35 -40.53 -31.28
C GLN B 112 9.23 -41.82 -30.49
N GLN B 113 10.25 -42.15 -29.68
CA GLN B 113 10.17 -43.31 -28.79
C GLN B 113 9.13 -43.13 -27.69
N ALA B 114 9.03 -41.92 -27.13
CA ALA B 114 8.02 -41.66 -26.10
C ALA B 114 6.61 -41.58 -26.68
N GLN B 115 6.48 -41.09 -27.92
CA GLN B 115 5.18 -41.10 -28.58
C GLN B 115 4.77 -42.51 -29.00
N ALA B 116 5.75 -43.38 -29.29
CA ALA B 116 5.46 -44.79 -29.49
C ALA B 116 5.03 -45.46 -28.19
N ALA B 117 5.66 -45.09 -27.07
CA ALA B 117 5.19 -45.57 -25.77
C ALA B 117 3.87 -44.90 -25.39
N GLY B 118 3.71 -43.63 -25.71
CA GLY B 118 2.44 -42.96 -25.50
C GLY B 118 2.26 -42.24 -24.18
N ALA B 119 3.16 -41.32 -23.86
CA ALA B 119 3.06 -40.51 -22.65
C ALA B 119 2.66 -39.08 -23.02
N GLU B 120 2.59 -38.22 -22.01
CA GLU B 120 2.30 -36.81 -22.21
C GLU B 120 3.42 -35.90 -21.71
N GLN B 121 3.90 -36.13 -20.48
CA GLN B 121 4.94 -35.28 -19.89
C GLN B 121 6.28 -35.52 -20.55
N GLU B 122 6.57 -36.77 -20.92
CA GLU B 122 7.78 -37.11 -21.65
C GLU B 122 7.79 -36.48 -23.04
N VAL B 123 6.62 -36.46 -23.69
CA VAL B 123 6.47 -35.86 -25.01
C VAL B 123 6.60 -34.34 -24.93
N GLU B 124 6.03 -33.72 -23.89
CA GLU B 124 6.15 -32.27 -23.76
C GLU B 124 7.56 -31.86 -23.32
N LYS B 125 8.28 -32.73 -22.61
CA LYS B 125 9.67 -32.43 -22.28
C LYS B 125 10.57 -32.55 -23.51
N PHE B 126 10.37 -33.61 -24.30
CA PHE B 126 11.22 -33.80 -25.47
C PHE B 126 10.86 -32.87 -26.61
N THR B 127 9.68 -32.23 -26.59
CA THR B 127 9.45 -31.11 -27.50
C THR B 127 9.75 -29.76 -26.87
N LYS B 128 9.95 -29.70 -25.55
CA LYS B 128 10.52 -28.51 -24.95
C LYS B 128 12.01 -28.40 -25.28
N ARG B 129 12.71 -29.54 -25.37
CA ARG B 129 14.07 -29.51 -25.89
C ARG B 129 14.12 -29.25 -27.39
N LEU B 130 13.06 -29.58 -28.11
CA LEU B 130 12.99 -29.32 -29.55
C LEU B 130 12.40 -27.93 -29.79
N VAL B 131 13.25 -26.93 -29.64
CA VAL B 131 12.90 -25.55 -29.90
C VAL B 131 14.03 -24.89 -30.69
N LYS B 132 13.68 -24.14 -31.73
CA LYS B 132 14.67 -23.54 -32.60
C LYS B 132 14.22 -22.15 -33.01
N VAL B 133 15.11 -21.17 -32.89
CA VAL B 133 14.81 -19.83 -33.39
C VAL B 133 14.85 -19.84 -34.92
N THR B 134 14.04 -18.98 -35.51
CA THR B 134 13.83 -18.97 -36.94
C THR B 134 13.95 -17.50 -37.33
N LYS B 135 14.22 -17.24 -38.63
CA LYS B 135 14.27 -15.86 -39.13
C LYS B 135 12.94 -15.14 -38.95
N GLN B 136 11.81 -15.84 -39.08
CA GLN B 136 10.52 -15.20 -38.84
C GLN B 136 10.26 -14.97 -37.35
N HIS B 137 10.87 -15.78 -36.48
CA HIS B 137 10.73 -15.58 -35.02
C HIS B 137 11.36 -14.25 -34.59
N ASN B 138 12.62 -14.05 -34.96
CA ASN B 138 13.33 -12.81 -34.67
C ASN B 138 12.76 -11.65 -35.47
N ASP B 139 12.22 -11.92 -36.67
CA ASP B 139 11.58 -10.88 -37.48
C ASP B 139 10.32 -10.35 -36.83
N GLU B 140 9.49 -11.26 -36.30
CA GLU B 140 8.26 -10.85 -35.64
C GLU B 140 8.53 -10.20 -34.30
N CYS B 141 9.56 -10.67 -33.59
CA CYS B 141 9.91 -10.00 -32.34
C CYS B 141 10.55 -8.64 -32.55
N LYS B 142 11.33 -8.46 -33.63
CA LYS B 142 11.86 -7.15 -33.99
C LYS B 142 10.74 -6.20 -34.41
N HIS B 143 9.73 -6.74 -35.10
CA HIS B 143 8.52 -6.00 -35.44
C HIS B 143 7.78 -5.55 -34.19
N LEU B 144 7.63 -6.45 -33.21
CA LEU B 144 6.92 -6.15 -31.96
C LEU B 144 7.64 -5.10 -31.14
N LEU B 145 8.97 -5.23 -31.03
CA LEU B 145 9.73 -4.24 -30.28
C LEU B 145 9.86 -2.91 -31.03
N SER B 146 9.71 -2.91 -32.35
CA SER B 146 9.62 -1.65 -33.07
C SER B 146 8.30 -0.94 -32.79
N LEU B 147 7.19 -1.70 -32.72
CA LEU B 147 5.91 -1.06 -32.41
C LEU B 147 5.82 -0.64 -30.94
N MET B 148 6.48 -1.38 -30.04
CA MET B 148 6.55 -0.96 -28.64
C MET B 148 7.49 0.22 -28.42
N GLY B 149 8.40 0.49 -29.36
CA GLY B 149 9.36 1.56 -29.21
C GLY B 149 10.68 1.15 -28.62
N ILE B 150 10.86 -0.12 -28.30
CA ILE B 150 12.13 -0.62 -27.75
C ILE B 150 13.16 -0.68 -28.87
N PRO B 151 14.38 -0.15 -28.68
CA PRO B 151 15.36 -0.14 -29.78
C PRO B 151 15.96 -1.50 -30.09
N TYR B 152 15.53 -2.09 -31.21
CA TYR B 152 16.07 -3.36 -31.65
C TYR B 152 17.42 -3.14 -32.32
N LEU B 153 18.34 -4.07 -32.10
CA LEU B 153 19.63 -4.06 -32.76
C LEU B 153 19.92 -5.44 -33.34
N ASP B 154 20.62 -5.46 -34.46
CA ASP B 154 21.03 -6.68 -35.12
C ASP B 154 22.55 -6.81 -34.98
N ALA B 155 22.99 -7.82 -34.28
CA ALA B 155 24.40 -8.09 -34.20
C ALA B 155 24.90 -8.72 -35.50
N PRO B 156 26.15 -8.46 -35.89
CA PRO B 156 26.77 -9.25 -36.95
C PRO B 156 27.44 -10.53 -36.47
N SER B 157 27.52 -10.72 -35.15
CA SER B 157 28.12 -11.89 -34.55
C SER B 157 27.09 -12.45 -33.57
N GLU B 158 27.56 -13.32 -32.67
CA GLU B 158 26.79 -13.64 -31.47
C GLU B 158 26.52 -12.37 -30.68
N ALA B 159 25.29 -12.25 -30.18
CA ALA B 159 24.80 -10.99 -29.62
C ALA B 159 25.37 -10.68 -28.24
N GLU B 160 26.03 -11.65 -27.59
CA GLU B 160 26.77 -11.36 -26.36
C GLU B 160 27.94 -10.45 -26.63
N ALA B 161 28.59 -10.61 -27.80
CA ALA B 161 29.69 -9.75 -28.20
C ALA B 161 29.23 -8.32 -28.44
N SER B 162 28.08 -8.16 -29.12
CA SER B 162 27.56 -6.82 -29.39
C SER B 162 27.02 -6.17 -28.12
N CYS B 163 26.48 -6.98 -27.20
CA CYS B 163 26.12 -6.47 -25.88
C CYS B 163 27.34 -5.99 -25.11
N ALA B 164 28.44 -6.74 -25.18
CA ALA B 164 29.68 -6.35 -24.52
C ALA B 164 30.29 -5.10 -25.16
N ALA B 165 30.15 -4.95 -26.47
CA ALA B 165 30.63 -3.74 -27.13
C ALA B 165 29.73 -2.55 -26.85
N LEU B 166 28.45 -2.81 -26.57
CA LEU B 166 27.54 -1.72 -26.20
C LEU B 166 27.81 -1.22 -24.79
N VAL B 167 28.11 -2.12 -23.85
CA VAL B 167 28.47 -1.66 -22.51
C VAL B 167 29.89 -1.09 -22.49
N LYS B 168 30.77 -1.58 -23.37
CA LYS B 168 32.16 -1.11 -23.42
C LYS B 168 32.26 0.33 -23.91
N ALA B 169 31.34 0.77 -24.74
CA ALA B 169 31.31 2.15 -25.20
C ALA B 169 30.59 3.08 -24.24
N GLY B 170 30.01 2.54 -23.16
CA GLY B 170 29.23 3.35 -22.24
C GLY B 170 27.85 3.71 -22.74
N LYS B 171 27.38 3.07 -23.80
CA LYS B 171 26.07 3.39 -24.36
C LYS B 171 24.94 2.87 -23.49
N VAL B 172 25.10 1.67 -22.92
CA VAL B 172 24.12 1.09 -22.03
C VAL B 172 24.83 0.71 -20.74
N TYR B 173 24.06 0.58 -19.66
CA TYR B 173 24.66 0.34 -18.35
C TYR B 173 25.11 -1.11 -18.21
N ALA B 174 24.26 -2.06 -18.60
CA ALA B 174 24.53 -3.46 -18.33
C ALA B 174 24.18 -4.29 -19.54
N ALA B 175 24.92 -5.38 -19.72
CA ALA B 175 24.57 -6.39 -20.70
C ALA B 175 23.77 -7.45 -19.96
N ALA B 176 22.47 -7.46 -20.16
CA ALA B 176 21.57 -8.23 -19.31
C ALA B 176 21.26 -9.59 -19.91
N THR B 177 22.33 -10.36 -20.12
CA THR B 177 22.22 -11.71 -20.64
C THR B 177 22.51 -12.68 -19.51
N GLU B 178 21.94 -13.88 -19.58
CA GLU B 178 22.28 -14.90 -18.61
C GLU B 178 23.52 -15.69 -19.00
N ASP B 179 24.11 -15.39 -20.15
CA ASP B 179 25.25 -16.13 -20.66
C ASP B 179 26.53 -15.72 -19.94
N MET B 180 27.37 -16.71 -19.62
CA MET B 180 28.71 -16.45 -19.10
C MET B 180 29.64 -15.84 -20.12
N ASP B 181 29.43 -16.11 -21.42
CA ASP B 181 30.36 -15.70 -22.48
C ASP B 181 30.37 -14.20 -22.70
N CYS B 182 29.38 -13.47 -22.20
CA CYS B 182 29.34 -12.02 -22.37
C CYS B 182 30.35 -11.31 -21.50
N LEU B 183 30.73 -11.89 -20.35
CA LEU B 183 31.83 -11.34 -19.57
C LEU B 183 33.16 -11.52 -20.28
N THR B 184 33.35 -12.66 -20.92
CA THR B 184 34.59 -12.92 -21.64
C THR B 184 34.65 -12.13 -22.93
N PHE B 185 33.50 -11.86 -23.55
CA PHE B 185 33.43 -10.92 -24.65
C PHE B 185 33.74 -9.49 -24.22
N GLY B 186 33.56 -9.17 -22.94
CA GLY B 186 34.12 -7.97 -22.39
C GLY B 186 33.12 -7.01 -21.81
N SER B 187 32.00 -7.51 -21.31
CA SER B 187 31.04 -6.66 -20.62
C SER B 187 31.61 -6.24 -19.27
N PRO B 188 31.77 -4.94 -18.98
CA PRO B 188 32.11 -4.54 -17.61
C PRO B 188 31.00 -4.81 -16.63
N VAL B 189 29.74 -4.74 -17.05
CA VAL B 189 28.60 -5.17 -16.25
C VAL B 189 27.87 -6.26 -17.00
N LEU B 190 27.71 -7.40 -16.35
CA LEU B 190 26.75 -8.42 -16.75
C LEU B 190 25.71 -8.49 -15.65
N MET B 191 24.45 -8.74 -16.01
CA MET B 191 23.49 -9.11 -14.99
C MET B 191 22.64 -10.25 -15.51
N ARG B 192 22.32 -11.19 -14.62
CA ARG B 192 21.62 -12.40 -14.97
C ARG B 192 20.35 -12.51 -14.14
N HIS B 193 19.54 -13.50 -14.52
CA HIS B 193 18.24 -13.84 -13.94
C HIS B 193 17.31 -12.63 -13.94
N LEU B 194 17.00 -12.15 -15.15
CA LEU B 194 16.22 -10.93 -15.33
C LEU B 194 14.74 -11.26 -15.54
N THR B 195 14.24 -12.24 -14.80
CA THR B 195 12.81 -12.52 -14.78
C THR B 195 12.12 -11.41 -14.02
N ALA B 196 11.81 -10.30 -14.68
CA ALA B 196 11.03 -9.23 -14.06
C ALA B 196 9.59 -9.71 -14.00
N SER B 197 9.17 -10.15 -12.81
CA SER B 197 7.92 -10.87 -12.66
C SER B 197 7.09 -10.27 -11.53
N GLU B 198 5.85 -10.74 -11.43
CA GLU B 198 4.91 -10.28 -10.41
C GLU B 198 5.28 -10.93 -9.07
N ALA B 199 5.99 -10.16 -8.23
CA ALA B 199 6.33 -10.49 -6.84
C ALA B 199 7.18 -11.76 -6.73
N LYS B 200 8.05 -11.98 -7.73
CA LYS B 200 8.95 -13.12 -7.67
C LYS B 200 10.06 -12.87 -6.67
N LYS B 201 10.54 -11.62 -6.61
CA LYS B 201 11.64 -11.14 -5.76
C LYS B 201 12.94 -11.93 -5.97
N LEU B 202 13.20 -12.27 -7.21
CA LEU B 202 14.46 -12.89 -7.56
C LEU B 202 15.55 -11.83 -7.60
N PRO B 203 16.68 -12.04 -6.93
CA PRO B 203 17.77 -11.05 -6.99
C PRO B 203 18.48 -11.12 -8.33
N ILE B 204 18.74 -9.95 -8.91
CA ILE B 204 19.42 -9.86 -10.19
C ILE B 204 20.90 -10.13 -9.97
N GLN B 205 21.38 -11.28 -10.45
CA GLN B 205 22.75 -11.70 -10.25
C GLN B 205 23.70 -10.89 -11.11
N GLU B 206 24.14 -9.74 -10.60
CA GLU B 206 24.92 -8.80 -11.38
C GLU B 206 26.40 -9.13 -11.29
N PHE B 207 27.03 -9.32 -12.46
CA PHE B 207 28.44 -9.67 -12.56
C PHE B 207 29.20 -8.44 -13.03
N HIS B 208 30.11 -7.94 -12.21
CA HIS B 208 30.96 -6.82 -12.58
C HIS B 208 32.35 -7.34 -12.92
N LEU B 209 32.85 -6.95 -14.09
CA LEU B 209 34.13 -7.47 -14.57
C LEU B 209 35.31 -6.86 -13.84
N SER B 210 35.16 -5.63 -13.33
CA SER B 210 36.29 -4.92 -12.74
C SER B 210 36.70 -5.51 -11.40
N ARG B 211 35.73 -5.90 -10.57
CA ARG B 211 36.08 -6.56 -9.31
C ARG B 211 36.54 -7.99 -9.53
N ILE B 212 36.13 -8.63 -10.64
CA ILE B 212 36.70 -9.92 -11.02
C ILE B 212 38.17 -9.77 -11.34
N LEU B 213 38.52 -8.82 -12.20
CA LEU B 213 39.90 -8.65 -12.64
C LEU B 213 40.77 -8.00 -11.58
N GLN B 214 40.18 -7.36 -10.57
CA GLN B 214 40.96 -6.92 -9.43
C GLN B 214 41.17 -8.06 -8.43
N GLU B 215 40.14 -8.87 -8.19
CA GLU B 215 40.25 -9.93 -7.18
C GLU B 215 41.04 -11.13 -7.69
N LEU B 216 40.87 -11.50 -8.96
CA LEU B 216 41.59 -12.64 -9.51
C LEU B 216 43.01 -12.28 -9.96
N GLY B 217 43.35 -11.00 -9.99
CA GLY B 217 44.67 -10.55 -10.40
C GLY B 217 44.97 -10.76 -11.86
N LEU B 218 43.96 -10.59 -12.72
CA LEU B 218 44.10 -10.82 -14.14
C LEU B 218 43.71 -9.56 -14.91
N ASN B 219 43.98 -9.57 -16.21
CA ASN B 219 43.46 -8.57 -17.13
C ASN B 219 42.53 -9.28 -18.12
N GLN B 220 42.15 -8.57 -19.18
CA GLN B 220 41.06 -9.02 -20.06
C GLN B 220 41.43 -10.25 -20.86
N GLU B 221 42.63 -10.24 -21.47
CA GLU B 221 43.13 -11.40 -22.23
C GLU B 221 43.39 -12.59 -21.31
N GLN B 222 43.73 -12.32 -20.06
CA GLN B 222 44.00 -13.38 -19.10
C GLN B 222 42.70 -14.07 -18.68
N PHE B 223 41.63 -13.29 -18.51
CA PHE B 223 40.31 -13.86 -18.22
C PHE B 223 39.75 -14.59 -19.44
N VAL B 224 40.09 -14.12 -20.65
CA VAL B 224 39.79 -14.86 -21.88
C VAL B 224 40.48 -16.23 -21.86
N ASP B 225 41.75 -16.27 -21.48
CA ASP B 225 42.49 -17.53 -21.42
C ASP B 225 41.94 -18.45 -20.33
N LEU B 226 41.51 -17.87 -19.21
CA LEU B 226 40.83 -18.64 -18.15
C LEU B 226 39.52 -19.24 -18.63
N CYS B 227 38.73 -18.47 -19.38
CA CYS B 227 37.45 -19.00 -19.85
C CYS B 227 37.61 -19.98 -21.00
N ILE B 228 38.66 -19.82 -21.82
CA ILE B 228 38.96 -20.78 -22.87
C ILE B 228 39.41 -22.10 -22.26
N LEU B 229 40.24 -22.03 -21.21
CA LEU B 229 40.65 -23.23 -20.49
C LEU B 229 39.48 -23.84 -19.70
N LEU B 230 38.53 -23.01 -19.27
CA LEU B 230 37.31 -23.50 -18.63
C LEU B 230 36.41 -24.21 -19.62
N GLY B 231 36.42 -23.79 -20.88
CA GLY B 231 35.60 -24.40 -21.90
C GLY B 231 34.51 -23.48 -22.41
N SER B 232 34.76 -22.85 -23.54
CA SER B 232 33.79 -21.95 -24.15
C SER B 232 32.93 -22.73 -25.14
N ASP B 233 32.20 -22.01 -25.98
CA ASP B 233 31.46 -22.60 -27.08
C ASP B 233 32.14 -22.38 -28.42
N TYR B 234 33.39 -21.92 -28.42
CA TYR B 234 34.15 -21.73 -29.64
C TYR B 234 35.32 -22.67 -29.79
N CYS B 235 35.74 -23.33 -28.70
CA CYS B 235 36.82 -24.31 -28.74
C CYS B 235 36.64 -25.26 -27.57
N GLU B 236 37.28 -26.42 -27.68
CA GLU B 236 37.21 -27.42 -26.63
C GLU B 236 38.13 -27.05 -25.48
N SER B 237 37.96 -27.74 -24.36
CA SER B 237 38.81 -27.54 -23.20
C SER B 237 39.73 -28.73 -23.01
N ILE B 238 40.76 -28.54 -22.19
CA ILE B 238 41.66 -29.63 -21.85
C ILE B 238 40.97 -30.56 -20.87
N ARG B 239 40.97 -31.86 -21.18
CA ARG B 239 40.37 -32.84 -20.29
C ARG B 239 41.21 -33.00 -19.03
N GLY B 240 40.54 -33.08 -17.89
CA GLY B 240 41.21 -33.13 -16.61
C GLY B 240 41.44 -31.78 -15.96
N ILE B 241 41.20 -30.69 -16.68
CA ILE B 241 41.34 -29.35 -16.13
C ILE B 241 39.94 -28.82 -15.86
N GLY B 242 39.56 -28.76 -14.59
CA GLY B 242 38.30 -28.20 -14.20
C GLY B 242 38.44 -26.74 -13.84
N PRO B 243 37.52 -26.20 -13.03
CA PRO B 243 37.57 -24.77 -12.70
C PRO B 243 38.73 -24.34 -11.80
N LYS B 244 38.95 -25.05 -10.69
CA LYS B 244 39.94 -24.64 -9.70
C LYS B 244 41.36 -24.82 -10.22
N ARG B 245 41.60 -25.87 -11.00
CA ARG B 245 42.90 -26.03 -11.65
C ARG B 245 43.11 -24.98 -12.73
N ALA B 246 42.04 -24.53 -13.40
CA ALA B 246 42.16 -23.44 -14.37
C ALA B 246 42.52 -22.13 -13.68
N VAL B 247 41.94 -21.88 -12.51
CA VAL B 247 42.26 -20.68 -11.72
C VAL B 247 43.72 -20.72 -11.26
N ASP B 248 44.20 -21.90 -10.84
CA ASP B 248 45.59 -22.04 -10.41
C ASP B 248 46.57 -21.91 -11.58
N LEU B 249 46.26 -22.49 -12.75
CA LEU B 249 47.17 -22.40 -13.90
C LEU B 249 47.23 -21.00 -14.50
N ILE B 250 46.08 -20.32 -14.63
CA ILE B 250 46.08 -18.92 -15.07
C ILE B 250 46.70 -18.00 -14.02
N GLN B 251 46.60 -18.34 -12.73
CA GLN B 251 47.22 -17.50 -11.71
C GLN B 251 48.73 -17.69 -11.66
N LYS B 252 49.23 -18.91 -11.91
CA LYS B 252 50.66 -19.17 -11.71
C LYS B 252 51.48 -19.21 -13.00
N HIS B 253 50.87 -19.24 -14.18
CA HIS B 253 51.61 -19.06 -15.43
C HIS B 253 51.31 -17.77 -16.17
N LYS B 254 50.14 -17.17 -15.95
CA LYS B 254 49.70 -15.87 -16.50
C LYS B 254 49.68 -15.84 -18.02
N SER B 255 49.38 -16.99 -18.63
CA SER B 255 49.17 -17.11 -20.07
C SER B 255 48.39 -18.39 -20.31
N ILE B 256 48.17 -18.71 -21.57
CA ILE B 256 47.73 -20.04 -21.95
C ILE B 256 48.79 -20.77 -22.78
N GLU B 257 49.68 -20.04 -23.48
CA GLU B 257 50.76 -20.67 -24.21
C GLU B 257 51.84 -21.20 -23.29
N GLU B 258 51.95 -20.66 -22.07
CA GLU B 258 52.78 -21.29 -21.05
C GLU B 258 52.22 -22.64 -20.62
N ILE B 259 50.89 -22.75 -20.54
CA ILE B 259 50.26 -24.03 -20.23
C ILE B 259 50.40 -25.00 -21.39
N VAL B 260 50.46 -24.48 -22.62
CA VAL B 260 50.81 -25.30 -23.78
C VAL B 260 52.24 -25.81 -23.67
N ARG B 261 53.19 -24.93 -23.34
CA ARG B 261 54.59 -25.32 -23.42
C ARG B 261 55.12 -26.06 -22.21
N ARG B 262 54.44 -26.03 -21.06
CA ARG B 262 54.86 -26.87 -19.93
C ARG B 262 53.66 -27.61 -19.33
N LEU B 263 53.42 -28.80 -19.84
CA LEU B 263 52.38 -29.71 -19.37
C LEU B 263 52.73 -31.12 -19.81
N ASP B 264 52.45 -32.10 -18.97
CA ASP B 264 52.71 -33.48 -19.31
C ASP B 264 51.65 -34.05 -20.26
N PRO B 265 52.03 -34.60 -21.41
CA PRO B 265 51.03 -35.12 -22.36
C PRO B 265 50.45 -36.47 -21.99
N ASN B 266 51.09 -37.22 -21.10
CA ASN B 266 50.58 -38.52 -20.71
C ASN B 266 49.38 -38.39 -19.77
N LYS B 267 49.38 -37.38 -18.90
CA LYS B 267 48.38 -37.22 -17.84
C LYS B 267 47.28 -36.24 -18.24
N TYR B 268 47.63 -35.02 -18.63
CA TYR B 268 46.66 -34.05 -19.11
C TYR B 268 46.79 -33.90 -20.62
N PRO B 269 45.87 -34.46 -21.39
CA PRO B 269 46.02 -34.49 -22.85
C PRO B 269 45.60 -33.18 -23.49
N VAL B 270 46.56 -32.43 -23.99
CA VAL B 270 46.25 -31.28 -24.82
C VAL B 270 45.75 -31.77 -26.17
N PRO B 271 44.60 -31.31 -26.65
CA PRO B 271 44.12 -31.74 -27.97
C PRO B 271 44.96 -31.15 -29.09
N GLU B 272 45.12 -31.91 -30.17
CA GLU B 272 45.91 -31.45 -31.29
C GLU B 272 45.15 -30.50 -32.21
N ASN B 273 43.82 -30.55 -32.19
CA ASN B 273 42.99 -29.63 -32.97
C ASN B 273 42.50 -28.46 -32.14
N TRP B 274 43.21 -28.14 -31.07
CA TRP B 274 42.73 -27.18 -30.07
C TRP B 274 43.09 -25.77 -30.51
N LEU B 275 42.10 -25.10 -31.11
CA LEU B 275 42.28 -23.80 -31.77
C LEU B 275 41.99 -22.64 -30.80
N HIS B 276 42.80 -22.60 -29.74
CA HIS B 276 42.59 -21.67 -28.64
C HIS B 276 42.97 -20.24 -28.98
N LYS B 277 43.90 -20.04 -29.92
CA LYS B 277 44.34 -18.69 -30.23
C LYS B 277 43.31 -17.95 -31.07
N GLU B 278 42.61 -18.66 -31.95
CA GLU B 278 41.57 -18.03 -32.76
C GLU B 278 40.35 -17.68 -31.92
N ALA B 279 39.99 -18.53 -30.94
CA ALA B 279 38.90 -18.20 -30.03
C ALA B 279 39.29 -17.12 -29.03
N HIS B 280 40.59 -17.07 -28.68
CA HIS B 280 41.12 -15.97 -27.87
C HIS B 280 41.01 -14.64 -28.61
N GLN B 281 41.36 -14.62 -29.90
CA GLN B 281 41.22 -13.40 -30.68
C GLN B 281 39.76 -13.08 -30.99
N LEU B 282 38.89 -14.09 -31.01
CA LEU B 282 37.46 -13.85 -31.16
C LEU B 282 36.87 -13.20 -29.92
N PHE B 283 37.23 -13.68 -28.74
CA PHE B 283 36.87 -13.02 -27.49
C PHE B 283 37.54 -11.67 -27.27
N LEU B 284 38.71 -11.42 -27.87
CA LEU B 284 39.27 -10.07 -27.80
C LEU B 284 38.62 -9.13 -28.81
N GLU B 285 38.64 -9.52 -30.08
CA GLU B 285 38.13 -8.68 -31.17
C GLU B 285 37.09 -9.45 -31.95
N PRO B 286 35.83 -9.42 -31.55
CA PRO B 286 34.77 -10.08 -32.31
C PRO B 286 34.27 -9.17 -33.42
N GLU B 287 33.35 -9.70 -34.23
CA GLU B 287 32.72 -8.91 -35.29
C GLU B 287 31.45 -8.26 -34.74
N VAL B 288 31.66 -7.31 -33.83
CA VAL B 288 30.57 -6.61 -33.16
C VAL B 288 29.98 -5.58 -34.08
N LEU B 289 28.83 -5.03 -33.68
CA LEU B 289 28.28 -3.88 -34.35
C LEU B 289 28.99 -2.61 -33.90
N ASP B 290 28.81 -1.55 -34.66
CA ASP B 290 29.33 -0.25 -34.27
C ASP B 290 28.45 0.34 -33.18
N PRO B 291 28.98 0.59 -31.98
CA PRO B 291 28.11 1.07 -30.88
C PRO B 291 27.76 2.54 -30.97
N GLU B 292 28.55 3.34 -31.69
CA GLU B 292 28.31 4.78 -31.77
C GLU B 292 27.49 5.18 -32.99
N SER B 293 27.00 4.21 -33.77
CA SER B 293 26.21 4.50 -34.95
C SER B 293 24.78 3.97 -34.86
N VAL B 294 24.40 3.40 -33.73
CA VAL B 294 23.07 2.82 -33.60
C VAL B 294 22.12 3.86 -32.99
N GLU B 295 20.83 3.64 -33.17
CA GLU B 295 19.80 4.54 -32.67
C GLU B 295 19.26 3.98 -31.36
N LEU B 296 19.78 4.47 -30.24
CA LEU B 296 19.34 4.05 -28.91
C LEU B 296 18.33 5.05 -28.39
N LYS B 297 17.08 4.88 -28.83
CA LYS B 297 16.00 5.75 -28.41
C LYS B 297 14.78 4.90 -28.08
N TRP B 298 13.97 5.41 -27.16
CA TRP B 298 12.77 4.72 -26.67
C TRP B 298 11.59 5.58 -27.05
N SER B 299 10.99 5.30 -28.20
CA SER B 299 9.99 6.19 -28.77
C SER B 299 8.62 5.94 -28.14
N GLU B 300 7.65 6.72 -28.61
CA GLU B 300 6.26 6.53 -28.21
C GLU B 300 5.71 5.25 -28.83
N PRO B 301 5.02 4.41 -28.05
CA PRO B 301 4.50 3.15 -28.61
C PRO B 301 3.30 3.39 -29.51
N ASN B 302 3.37 2.84 -30.71
CA ASN B 302 2.28 2.91 -31.68
C ASN B 302 1.20 1.96 -31.19
N GLU B 303 0.11 2.53 -30.66
CA GLU B 303 -1.02 1.77 -30.15
C GLU B 303 -1.74 1.03 -31.28
N GLU B 304 -1.97 1.73 -32.40
CA GLU B 304 -2.89 1.27 -33.43
C GLU B 304 -2.32 0.10 -34.21
N GLU B 305 -1.06 0.17 -34.60
CA GLU B 305 -0.44 -0.96 -35.30
C GLU B 305 -0.19 -2.13 -34.36
N LEU B 306 -0.03 -1.87 -33.06
CA LEU B 306 0.07 -2.96 -32.08
C LEU B 306 -1.23 -3.72 -31.97
N ILE B 307 -2.36 -2.99 -31.91
CA ILE B 307 -3.68 -3.64 -31.87
C ILE B 307 -3.97 -4.38 -33.18
N LYS B 308 -3.64 -3.77 -34.33
CA LYS B 308 -3.92 -4.38 -35.63
C LYS B 308 -3.06 -5.62 -35.86
N PHE B 309 -1.75 -5.54 -35.56
CA PHE B 309 -0.82 -6.66 -35.65
C PHE B 309 -1.19 -7.79 -34.70
N MET B 310 -1.34 -7.47 -33.40
CA MET B 310 -1.52 -8.49 -32.38
C MET B 310 -2.96 -8.98 -32.27
N CYS B 311 -3.89 -8.38 -33.01
CA CYS B 311 -5.27 -8.83 -32.98
C CYS B 311 -5.80 -9.28 -34.34
N GLY B 312 -5.04 -9.06 -35.43
CA GLY B 312 -5.41 -9.66 -36.68
C GLY B 312 -4.50 -10.83 -37.00
N GLU B 313 -3.21 -10.69 -36.69
CA GLU B 313 -2.29 -11.78 -36.97
C GLU B 313 -2.16 -12.75 -35.81
N LYS B 314 -2.19 -12.26 -34.58
CA LYS B 314 -1.99 -13.12 -33.41
C LYS B 314 -3.24 -13.30 -32.58
N GLN B 315 -4.31 -12.55 -32.89
CA GLN B 315 -5.65 -12.53 -32.25
C GLN B 315 -5.60 -12.56 -30.72
N PHE B 316 -4.72 -11.74 -30.16
CA PHE B 316 -4.65 -11.59 -28.71
C PHE B 316 -5.85 -10.80 -28.23
N SER B 317 -6.22 -11.01 -26.97
CA SER B 317 -7.35 -10.28 -26.40
C SER B 317 -6.94 -8.84 -26.12
N GLU B 318 -7.85 -7.91 -26.46
CA GLU B 318 -7.52 -6.49 -26.54
C GLU B 318 -7.31 -5.86 -25.18
N GLU B 319 -7.95 -6.42 -24.13
CA GLU B 319 -7.93 -5.79 -22.81
C GLU B 319 -6.57 -5.93 -22.14
N ARG B 320 -5.88 -7.05 -22.36
CA ARG B 320 -4.61 -7.30 -21.67
C ARG B 320 -3.47 -6.49 -22.29
N ILE B 321 -3.33 -6.53 -23.62
CA ILE B 321 -2.30 -5.73 -24.27
C ILE B 321 -2.66 -4.26 -24.26
N ARG B 322 -3.96 -3.92 -24.16
CA ARG B 322 -4.36 -2.52 -24.06
C ARG B 322 -3.97 -1.93 -22.71
N SER B 323 -4.26 -2.64 -21.61
CA SER B 323 -3.82 -2.21 -20.28
C SER B 323 -2.31 -2.26 -20.13
N GLY B 324 -1.65 -3.21 -20.84
CA GLY B 324 -0.20 -3.24 -20.86
C GLY B 324 0.42 -2.03 -21.56
N VAL B 325 -0.22 -1.53 -22.61
CA VAL B 325 0.34 -0.36 -23.27
C VAL B 325 -0.01 0.92 -22.48
N LYS B 326 -1.13 0.92 -21.72
CA LYS B 326 -1.35 2.06 -20.81
C LYS B 326 -0.36 2.09 -19.65
N ARG B 327 0.03 0.93 -19.10
CA ARG B 327 1.09 0.98 -18.10
C ARG B 327 2.47 1.16 -18.71
N LEU B 328 2.64 0.84 -20.01
CA LEU B 328 3.80 1.31 -20.77
C LEU B 328 3.84 2.82 -20.88
N SER B 329 2.68 3.44 -21.06
CA SER B 329 2.61 4.89 -21.12
C SER B 329 2.93 5.52 -19.77
N LYS B 330 2.44 4.89 -18.68
CA LYS B 330 2.76 5.33 -17.31
C LYS B 330 4.26 5.20 -17.02
N SER B 331 4.85 4.09 -17.44
CA SER B 331 6.28 3.91 -17.28
C SER B 331 7.11 4.80 -18.20
N ARG B 332 6.54 5.20 -19.35
CA ARG B 332 7.25 6.14 -20.21
C ARG B 332 7.20 7.57 -19.67
N GLN B 333 6.12 7.94 -18.96
CA GLN B 333 6.19 9.19 -18.20
C GLN B 333 7.16 9.08 -17.04
N GLY B 334 7.29 7.90 -16.44
CA GLY B 334 8.32 7.72 -15.43
C GLY B 334 9.74 7.52 -15.96
N SER B 335 9.89 7.35 -17.27
CA SER B 335 11.18 7.02 -17.87
C SER B 335 12.18 8.16 -17.91
N THR B 336 11.72 9.41 -17.80
CA THR B 336 12.61 10.56 -17.78
C THR B 336 13.20 10.84 -16.42
N GLN B 337 12.82 10.05 -15.41
CA GLN B 337 13.17 10.35 -14.03
C GLN B 337 14.63 10.03 -13.75
N GLY B 338 15.33 10.96 -13.10
CA GLY B 338 16.75 10.82 -12.92
C GLY B 338 17.12 9.85 -11.82
N ARG B 339 18.39 9.48 -11.81
CA ARG B 339 18.95 8.59 -10.80
C ARG B 339 19.92 9.40 -9.95
N LEU B 340 20.04 9.00 -8.68
CA LEU B 340 20.87 9.77 -7.77
C LEU B 340 22.35 9.41 -7.88
N ASP B 341 22.69 8.33 -8.57
CA ASP B 341 24.08 8.03 -8.88
C ASP B 341 24.68 9.01 -9.89
N ASP B 342 23.84 9.71 -10.65
CA ASP B 342 24.32 10.70 -11.61
C ASP B 342 24.85 11.95 -10.93
N PHE B 343 24.32 12.27 -9.74
CA PHE B 343 24.69 13.48 -9.03
C PHE B 343 25.60 13.26 -7.84
N PHE B 344 25.54 12.10 -7.20
CA PHE B 344 26.43 11.75 -6.12
C PHE B 344 27.20 10.50 -6.49
N LYS B 345 28.49 10.48 -6.15
CA LYS B 345 29.35 9.34 -6.45
C LYS B 345 29.34 8.35 -5.30
N VAL B 346 29.32 7.07 -5.63
CA VAL B 346 29.26 6.02 -4.63
C VAL B 346 30.65 5.87 -4.00
N THR B 347 30.74 6.19 -2.71
CA THR B 347 32.00 6.07 -1.97
C THR B 347 31.98 4.87 -1.04
N GLY B 348 31.00 4.79 -0.14
CA GLY B 348 30.86 3.65 0.74
C GLY B 348 30.15 2.49 0.05
N SER B 349 30.90 1.76 -0.77
CA SER B 349 30.32 0.68 -1.57
C SER B 349 29.86 -0.49 -0.71
N LEU B 350 30.57 -0.79 0.38
CA LEU B 350 30.16 -1.90 1.24
C LEU B 350 29.05 -1.49 2.20
N SER B 351 29.39 -0.60 3.15
CA SER B 351 28.63 -0.34 4.38
C SER B 351 28.19 -1.63 5.07
N SER B 352 29.19 -2.39 5.52
CA SER B 352 28.97 -3.74 5.99
C SER B 352 28.30 -3.77 7.36
N ALA B 353 27.41 -4.75 7.56
CA ALA B 353 26.75 -4.98 8.84
C ALA B 353 26.94 -6.46 9.19
N LYS B 354 28.11 -6.77 9.78
CA LYS B 354 28.57 -8.13 10.12
C LYS B 354 28.47 -9.17 9.01
N MET C 1 -14.22 34.66 -18.62
CA MET C 1 -15.52 35.21 -19.01
C MET C 1 -16.63 34.78 -18.05
N PHE C 2 -16.34 33.76 -17.26
CA PHE C 2 -17.23 33.26 -16.22
C PHE C 2 -16.47 33.26 -14.90
N GLU C 3 -17.07 33.82 -13.85
CA GLU C 3 -16.45 33.88 -12.54
C GLU C 3 -17.45 33.49 -11.48
N ALA C 4 -17.09 32.55 -10.63
CA ALA C 4 -18.00 32.00 -9.64
C ALA C 4 -17.30 31.89 -8.29
N ARG C 5 -16.72 33.01 -7.83
CA ARG C 5 -16.04 33.10 -6.55
C ARG C 5 -16.99 32.85 -5.40
N LEU C 6 -16.78 31.75 -4.67
CA LEU C 6 -17.71 31.31 -3.66
C LEU C 6 -16.93 31.26 -2.35
N VAL C 7 -17.52 31.78 -1.28
CA VAL C 7 -16.76 32.08 -0.07
C VAL C 7 -16.52 30.83 0.80
N GLN C 8 -17.34 29.79 0.69
CA GLN C 8 -17.26 28.64 1.59
C GLN C 8 -16.72 27.44 0.84
N GLY C 9 -15.45 27.12 1.06
CA GLY C 9 -14.81 26.03 0.32
C GLY C 9 -15.35 24.67 0.68
N SER C 10 -15.72 24.49 1.95
CA SER C 10 -16.17 23.21 2.47
C SER C 10 -17.51 22.80 1.87
N ILE C 11 -18.34 23.74 1.45
CA ILE C 11 -19.68 23.36 1.07
C ILE C 11 -19.76 22.97 -0.41
N LEU C 12 -18.85 23.48 -1.24
CA LEU C 12 -18.72 22.95 -2.59
C LEU C 12 -17.89 21.67 -2.60
N LYS C 13 -16.99 21.53 -1.62
CA LYS C 13 -16.39 20.22 -1.35
C LYS C 13 -17.45 19.19 -0.96
N LYS C 14 -18.45 19.61 -0.18
CA LYS C 14 -19.54 18.73 0.22
C LYS C 14 -20.43 18.37 -0.96
N VAL C 15 -20.66 19.31 -1.88
CA VAL C 15 -21.42 19.03 -3.10
C VAL C 15 -20.68 18.01 -3.96
N LEU C 16 -19.40 18.23 -4.20
CA LEU C 16 -18.68 17.33 -5.09
C LEU C 16 -18.24 16.04 -4.43
N GLU C 17 -18.30 15.93 -3.11
CA GLU C 17 -18.16 14.64 -2.48
C GLU C 17 -19.49 13.94 -2.28
N ALA C 18 -20.59 14.69 -2.39
CA ALA C 18 -21.92 14.10 -2.42
C ALA C 18 -22.23 13.46 -3.76
N LEU C 19 -21.75 14.07 -4.85
CA LEU C 19 -22.12 13.59 -6.18
C LEU C 19 -21.10 12.63 -6.79
N LYS C 20 -20.00 12.30 -6.11
CA LYS C 20 -19.06 11.35 -6.68
C LYS C 20 -19.54 9.90 -6.56
N ASP C 21 -20.47 9.62 -5.64
CA ASP C 21 -20.86 8.25 -5.36
C ASP C 21 -21.92 7.74 -6.33
N LEU C 22 -22.77 8.63 -6.84
CA LEU C 22 -23.85 8.23 -7.74
C LEU C 22 -23.39 8.29 -9.19
N ILE C 23 -23.01 9.48 -9.63
CA ILE C 23 -22.92 9.83 -11.04
C ILE C 23 -21.47 10.12 -11.39
N ASN C 24 -21.08 9.74 -12.60
CA ASN C 24 -19.69 9.89 -13.02
C ASN C 24 -19.50 11.20 -13.78
N GLU C 25 -20.24 11.36 -14.88
CA GLU C 25 -20.15 12.55 -15.72
C GLU C 25 -21.46 13.31 -15.57
N ALA C 26 -21.37 14.61 -15.24
CA ALA C 26 -22.57 15.43 -15.13
C ALA C 26 -22.35 16.74 -15.87
N CYS C 27 -23.42 17.23 -16.50
CA CYS C 27 -23.37 18.45 -17.28
C CYS C 27 -23.82 19.62 -16.41
N TRP C 28 -22.88 20.50 -16.10
CA TRP C 28 -23.13 21.64 -15.24
C TRP C 28 -23.84 22.71 -16.05
N ASP C 29 -25.15 22.85 -15.86
CA ASP C 29 -25.92 23.90 -16.53
C ASP C 29 -25.61 25.21 -15.86
N ILE C 30 -24.64 25.94 -16.39
CA ILE C 30 -24.23 27.21 -15.82
C ILE C 30 -24.87 28.31 -16.64
N SER C 31 -25.68 29.15 -15.99
CA SER C 31 -26.34 30.25 -16.67
C SER C 31 -26.07 31.56 -15.96
N SER C 32 -26.73 32.63 -16.39
CA SER C 32 -26.58 33.92 -15.74
C SER C 32 -27.33 33.98 -14.41
N SER C 33 -28.40 33.21 -14.28
CA SER C 33 -29.18 33.25 -13.03
C SER C 33 -28.46 32.54 -11.90
N GLY C 34 -27.88 31.38 -12.17
CA GLY C 34 -27.19 30.63 -11.15
C GLY C 34 -26.74 29.30 -11.68
N VAL C 35 -25.89 28.66 -10.89
CA VAL C 35 -25.30 27.38 -11.26
C VAL C 35 -26.31 26.27 -11.05
N ASN C 36 -26.56 25.48 -12.09
CA ASN C 36 -27.49 24.37 -12.01
C ASN C 36 -26.82 23.10 -12.51
N LEU C 37 -27.37 21.96 -12.12
CA LEU C 37 -26.99 20.65 -12.64
C LEU C 37 -28.22 19.77 -12.63
N GLN C 38 -28.30 18.87 -13.59
CA GLN C 38 -29.43 17.93 -13.69
C GLN C 38 -28.95 16.72 -14.48
N SER C 39 -28.82 15.58 -13.81
CA SER C 39 -28.43 14.36 -14.50
C SER C 39 -28.99 13.15 -13.79
N MET C 40 -29.21 12.10 -14.57
CA MET C 40 -29.71 10.83 -14.10
C MET C 40 -28.53 10.02 -13.54
N ASP C 41 -28.85 9.01 -12.73
CA ASP C 41 -27.87 8.12 -12.11
C ASP C 41 -27.06 7.35 -13.15
N SER C 42 -25.88 6.88 -12.72
CA SER C 42 -25.06 6.01 -13.55
C SER C 42 -25.69 4.64 -13.75
N SER C 43 -26.55 4.19 -12.85
CA SER C 43 -27.36 3.01 -13.06
C SER C 43 -28.69 3.33 -13.74
N HIS C 44 -28.94 4.61 -14.04
CA HIS C 44 -30.14 5.14 -14.69
C HIS C 44 -31.42 4.79 -13.93
N VAL C 45 -31.37 4.97 -12.62
CA VAL C 45 -32.54 4.87 -11.75
C VAL C 45 -32.86 6.20 -11.08
N SER C 46 -31.87 6.76 -10.39
CA SER C 46 -32.04 7.99 -9.64
C SER C 46 -31.84 9.22 -10.51
N LEU C 47 -32.28 10.36 -9.98
CA LEU C 47 -32.11 11.65 -10.63
C LEU C 47 -31.58 12.64 -9.60
N VAL C 48 -30.58 13.43 -10.00
CA VAL C 48 -29.95 14.41 -9.13
C VAL C 48 -30.17 15.79 -9.73
N GLN C 49 -30.66 16.72 -8.93
CA GLN C 49 -30.85 18.10 -9.35
C GLN C 49 -30.14 19.00 -8.36
N LEU C 50 -29.03 19.59 -8.79
CA LEU C 50 -28.28 20.54 -7.98
C LEU C 50 -28.55 21.94 -8.49
N THR C 51 -28.86 22.86 -7.57
CA THR C 51 -29.02 24.26 -7.92
C THR C 51 -28.19 25.08 -6.94
N LEU C 52 -27.37 25.98 -7.47
CA LEU C 52 -26.60 26.92 -6.66
C LEU C 52 -26.83 28.29 -7.27
N ARG C 53 -27.76 29.06 -6.69
CA ARG C 53 -28.09 30.38 -7.21
C ARG C 53 -26.97 31.36 -6.91
N SER C 54 -26.91 32.42 -7.72
CA SER C 54 -25.80 33.36 -7.70
C SER C 54 -25.89 34.38 -6.57
N GLU C 55 -26.96 34.38 -5.78
CA GLU C 55 -27.09 35.35 -4.69
C GLU C 55 -26.16 35.00 -3.53
N GLY C 56 -25.98 33.72 -3.24
CA GLY C 56 -25.11 33.29 -2.16
C GLY C 56 -23.65 33.17 -2.51
N PHE C 57 -23.27 33.47 -3.75
CA PHE C 57 -21.87 33.54 -4.13
C PHE C 57 -21.27 34.84 -3.61
N ASP C 58 -19.93 34.89 -3.56
CA ASP C 58 -19.28 36.13 -3.15
C ASP C 58 -19.32 37.16 -4.27
N THR C 59 -18.72 36.84 -5.41
CA THR C 59 -18.92 37.58 -6.65
C THR C 59 -19.30 36.58 -7.74
N TYR C 60 -20.18 37.00 -8.63
CA TYR C 60 -20.65 36.15 -9.72
C TYR C 60 -20.84 37.01 -10.96
N ARG C 61 -20.36 36.49 -12.09
CA ARG C 61 -20.55 37.14 -13.39
C ARG C 61 -20.40 36.09 -14.48
N CYS C 62 -21.53 35.68 -15.05
CA CYS C 62 -21.58 34.73 -16.15
C CYS C 62 -22.23 35.38 -17.36
N ASP C 63 -21.63 35.16 -18.54
CA ASP C 63 -22.07 35.81 -19.76
C ASP C 63 -22.98 34.93 -20.60
N ARG C 64 -22.50 33.75 -21.00
CA ARG C 64 -23.25 32.87 -21.87
C ARG C 64 -23.75 31.66 -21.09
N ASN C 65 -24.69 30.94 -21.70
CA ASN C 65 -25.21 29.70 -21.11
C ASN C 65 -24.18 28.61 -21.35
N LEU C 66 -23.29 28.42 -20.39
CA LEU C 66 -22.24 27.42 -20.48
C LEU C 66 -22.79 26.11 -19.96
N ALA C 67 -23.34 25.29 -20.87
CA ALA C 67 -23.82 23.95 -20.51
C ALA C 67 -22.69 22.93 -20.69
N MET C 68 -21.61 23.16 -19.94
CA MET C 68 -20.41 22.35 -20.04
C MET C 68 -20.34 21.34 -18.90
N GLY C 69 -19.75 20.18 -19.20
CA GLY C 69 -19.84 19.06 -18.29
C GLY C 69 -18.52 18.47 -17.89
N VAL C 70 -18.28 18.33 -16.59
CA VAL C 70 -17.02 17.76 -16.13
C VAL C 70 -17.25 16.33 -15.65
N ASN C 71 -16.16 15.59 -15.56
CA ASN C 71 -16.10 14.35 -14.79
C ASN C 71 -16.14 14.73 -13.31
N LEU C 72 -17.03 14.10 -12.54
CA LEU C 72 -17.15 14.51 -11.15
C LEU C 72 -16.24 13.71 -10.22
N THR C 73 -15.73 12.56 -10.65
CA THR C 73 -14.63 11.93 -9.91
C THR C 73 -13.39 12.80 -9.96
N SER C 74 -13.14 13.38 -11.13
CA SER C 74 -12.04 14.31 -11.34
C SER C 74 -12.21 15.60 -10.56
N MET C 75 -13.41 16.21 -10.62
CA MET C 75 -13.64 17.46 -9.91
C MET C 75 -13.77 17.20 -8.41
N SER C 76 -14.17 15.98 -8.04
CA SER C 76 -14.13 15.55 -6.65
C SER C 76 -12.70 15.47 -6.12
N LYS C 77 -11.77 14.91 -6.89
CA LYS C 77 -10.38 14.85 -6.47
C LYS C 77 -9.74 16.23 -6.41
N ILE C 78 -10.05 17.08 -7.40
CA ILE C 78 -9.56 18.45 -7.43
C ILE C 78 -10.15 19.28 -6.29
N LEU C 79 -11.37 18.94 -5.85
CA LEU C 79 -11.90 19.61 -4.67
C LEU C 79 -11.44 18.97 -3.36
N LYS C 80 -10.95 17.74 -3.37
CA LYS C 80 -10.19 17.26 -2.21
C LYS C 80 -8.79 17.83 -2.15
N CYS C 81 -8.32 18.48 -3.21
CA CYS C 81 -7.14 19.32 -3.05
C CYS C 81 -7.41 20.60 -2.26
N ALA C 82 -8.66 21.03 -2.14
CA ALA C 82 -8.98 22.27 -1.45
C ALA C 82 -8.87 22.11 0.06
N GLY C 83 -8.63 23.23 0.73
CA GLY C 83 -8.78 23.28 2.17
C GLY C 83 -10.24 23.40 2.55
N ASN C 84 -10.51 23.24 3.84
CA ASN C 84 -11.88 23.34 4.32
C ASN C 84 -12.36 24.78 4.36
N GLU C 85 -11.48 25.70 4.74
CA GLU C 85 -11.85 27.11 4.83
C GLU C 85 -11.34 27.90 3.63
N ASP C 86 -11.15 27.23 2.50
CA ASP C 86 -10.67 27.86 1.29
C ASP C 86 -11.78 28.67 0.62
N ILE C 87 -11.43 29.41 -0.42
CA ILE C 87 -12.36 30.22 -1.18
C ILE C 87 -12.32 29.70 -2.61
N ILE C 88 -13.41 29.09 -3.06
CA ILE C 88 -13.43 28.44 -4.36
C ILE C 88 -13.73 29.54 -5.36
N THR C 89 -12.98 29.61 -6.46
CA THR C 89 -13.24 30.56 -7.52
C THR C 89 -13.30 29.80 -8.83
N LEU C 90 -14.50 29.42 -9.26
CA LEU C 90 -14.65 28.75 -10.54
C LEU C 90 -14.53 29.79 -11.65
N ARG C 91 -13.49 29.66 -12.46
CA ARG C 91 -13.31 30.54 -13.59
C ARG C 91 -13.34 29.72 -14.86
N ALA C 92 -13.71 30.36 -15.97
CA ALA C 92 -13.75 29.68 -17.26
C ALA C 92 -13.49 30.69 -18.36
N GLU C 93 -13.14 30.17 -19.53
CA GLU C 93 -12.99 30.96 -20.75
C GLU C 93 -13.99 30.45 -21.78
N ASP C 94 -13.96 31.07 -22.97
CA ASP C 94 -14.87 30.67 -24.03
C ASP C 94 -14.23 29.73 -25.03
N ASN C 95 -13.07 30.11 -25.58
CA ASN C 95 -12.35 29.21 -26.48
C ASN C 95 -11.72 28.05 -25.72
N ALA C 96 -11.22 28.33 -24.52
CA ALA C 96 -10.59 27.30 -23.71
C ALA C 96 -11.65 26.46 -23.03
N ASP C 97 -11.51 25.14 -23.14
CA ASP C 97 -12.37 24.19 -22.44
C ASP C 97 -11.81 23.76 -21.09
N THR C 98 -11.45 24.73 -20.26
CA THR C 98 -10.91 24.46 -18.93
C THR C 98 -11.71 25.21 -17.88
N LEU C 99 -12.11 24.48 -16.85
CA LEU C 99 -12.83 25.05 -15.72
C LEU C 99 -11.78 25.32 -14.65
N ALA C 100 -11.35 26.58 -14.55
CA ALA C 100 -10.35 26.97 -13.58
C ALA C 100 -10.92 26.93 -12.17
N LEU C 101 -10.11 26.53 -11.21
CA LEU C 101 -10.55 26.26 -9.86
C LEU C 101 -9.57 26.86 -8.85
N VAL C 102 -9.34 28.17 -8.94
CA VAL C 102 -8.41 28.87 -8.05
C VAL C 102 -8.95 28.86 -6.63
N PHE C 103 -8.19 28.25 -5.72
CA PHE C 103 -8.60 28.12 -4.32
C PHE C 103 -7.77 29.09 -3.50
N GLU C 104 -8.41 30.15 -3.00
CA GLU C 104 -7.72 31.12 -2.17
C GLU C 104 -7.58 30.57 -0.76
N ALA C 105 -6.45 30.90 -0.12
CA ALA C 105 -6.22 30.49 1.26
C ALA C 105 -7.07 31.31 2.21
N PRO C 106 -7.32 30.82 3.43
CA PRO C 106 -7.94 31.69 4.47
C PRO C 106 -7.09 32.89 4.82
N ASN C 107 -5.77 32.75 4.84
CA ASN C 107 -4.86 33.88 4.88
C ASN C 107 -4.50 34.26 3.45
N GLN C 108 -3.46 35.08 3.28
CA GLN C 108 -3.01 35.51 1.97
C GLN C 108 -1.68 34.85 1.63
N GLU C 109 -1.56 33.57 1.94
CA GLU C 109 -0.34 32.80 1.82
C GLU C 109 -0.22 32.06 0.48
N LYS C 110 -1.28 31.36 0.07
CA LYS C 110 -1.18 30.49 -1.10
C LYS C 110 -2.40 30.60 -1.98
N VAL C 111 -2.21 30.31 -3.27
CA VAL C 111 -3.31 30.14 -4.22
C VAL C 111 -3.13 28.77 -4.87
N SER C 112 -4.24 28.21 -5.35
CA SER C 112 -4.29 26.82 -5.78
C SER C 112 -5.05 26.70 -7.10
N ASP C 113 -4.58 27.40 -8.13
CA ASP C 113 -5.13 27.34 -9.49
C ASP C 113 -5.13 25.92 -10.03
N TYR C 114 -6.30 25.40 -10.36
CA TYR C 114 -6.40 24.09 -11.01
C TYR C 114 -7.18 24.24 -12.29
N GLU C 115 -6.53 24.03 -13.43
CA GLU C 115 -7.27 23.86 -14.68
C GLU C 115 -7.85 22.45 -14.70
N MET C 116 -8.81 22.24 -15.59
CA MET C 116 -9.48 20.95 -15.56
C MET C 116 -9.92 20.58 -16.97
N LYS C 117 -9.75 19.31 -17.35
CA LYS C 117 -10.22 18.85 -18.64
C LYS C 117 -11.74 18.69 -18.62
N LEU C 118 -12.39 19.32 -19.59
CA LEU C 118 -13.85 19.25 -19.77
C LEU C 118 -14.20 18.05 -20.64
N MET C 119 -14.54 16.93 -20.00
CA MET C 119 -15.07 15.78 -20.72
C MET C 119 -16.54 16.06 -20.99
N ASP C 120 -16.80 16.75 -22.11
CA ASP C 120 -18.12 17.28 -22.42
C ASP C 120 -19.10 16.17 -22.77
N LEU C 121 -20.29 16.24 -22.19
CA LEU C 121 -21.33 15.24 -22.39
C LEU C 121 -22.66 15.96 -22.51
N ASP C 122 -23.49 15.50 -23.47
CA ASP C 122 -24.77 16.14 -23.76
C ASP C 122 -25.89 15.34 -23.08
N VAL C 123 -26.17 15.68 -21.83
CA VAL C 123 -27.31 15.07 -21.16
C VAL C 123 -28.60 15.76 -21.60
N GLU C 124 -29.72 15.10 -21.35
CA GLU C 124 -31.01 15.59 -21.78
C GLU C 124 -31.56 16.54 -20.71
N GLN C 125 -31.58 17.82 -21.02
CA GLN C 125 -32.04 18.84 -20.08
C GLN C 125 -33.56 18.78 -20.01
N LEU C 126 -34.06 17.90 -19.17
CA LEU C 126 -35.50 17.72 -18.98
C LEU C 126 -36.00 18.63 -17.88
N GLY C 127 -37.24 19.08 -18.02
CA GLY C 127 -37.84 19.97 -17.04
C GLY C 127 -38.75 19.24 -16.08
N ILE C 128 -38.25 18.96 -14.89
CA ILE C 128 -39.01 18.25 -13.86
C ILE C 128 -39.98 19.24 -13.22
N PRO C 129 -41.29 18.97 -13.24
CA PRO C 129 -42.22 19.86 -12.55
C PRO C 129 -42.16 19.67 -11.05
N GLU C 130 -42.36 20.75 -10.32
CA GLU C 130 -42.34 20.75 -8.87
C GLU C 130 -43.78 20.86 -8.39
N GLN C 131 -44.44 19.71 -8.29
CA GLN C 131 -45.84 19.66 -7.87
C GLN C 131 -45.93 19.47 -6.36
N GLU C 132 -47.16 19.38 -5.86
CA GLU C 132 -47.38 19.11 -4.45
C GLU C 132 -47.09 17.65 -4.13
N TYR C 133 -46.82 17.39 -2.85
CA TYR C 133 -46.53 16.05 -2.37
C TYR C 133 -47.42 15.73 -1.18
N SER C 134 -47.81 14.46 -1.09
CA SER C 134 -48.74 14.04 -0.05
C SER C 134 -48.06 13.98 1.32
N CYS C 135 -46.79 13.64 1.34
CA CYS C 135 -46.01 13.64 2.57
C CYS C 135 -44.76 14.49 2.35
N VAL C 136 -44.59 15.52 3.16
CA VAL C 136 -43.32 16.24 3.26
C VAL C 136 -42.89 16.25 4.72
N VAL C 137 -41.64 15.84 4.97
CA VAL C 137 -41.10 15.87 6.32
C VAL C 137 -39.83 16.74 6.31
N LYS C 138 -39.49 17.25 7.48
CA LYS C 138 -38.29 18.05 7.68
C LYS C 138 -37.52 17.35 8.80
N MET C 139 -36.76 16.34 8.43
CA MET C 139 -36.12 15.56 9.47
C MET C 139 -34.63 15.85 9.47
N PRO C 140 -33.94 15.72 10.62
CA PRO C 140 -32.51 16.03 10.66
C PRO C 140 -31.65 15.09 9.81
N SER C 141 -30.64 15.68 9.17
CA SER C 141 -29.93 15.02 8.07
C SER C 141 -28.99 13.95 8.56
N GLY C 142 -28.34 14.19 9.70
CA GLY C 142 -27.54 13.15 10.32
C GLY C 142 -28.39 12.00 10.81
N GLU C 143 -29.62 12.29 11.26
CA GLU C 143 -30.52 11.25 11.74
C GLU C 143 -31.06 10.42 10.58
N PHE C 144 -31.36 11.08 9.45
CA PHE C 144 -31.76 10.36 8.24
C PHE C 144 -30.60 9.55 7.67
N ALA C 145 -29.38 10.07 7.76
CA ALA C 145 -28.21 9.31 7.35
C ALA C 145 -27.99 8.09 8.23
N ARG C 146 -28.28 8.22 9.53
CA ARG C 146 -28.23 7.08 10.45
C ARG C 146 -29.29 6.04 10.12
N ILE C 147 -30.49 6.48 9.76
CA ILE C 147 -31.56 5.55 9.36
C ILE C 147 -31.20 4.81 8.07
N CYS C 148 -30.63 5.50 7.09
CA CYS C 148 -30.26 4.86 5.84
C CYS C 148 -29.09 3.90 6.00
N ARG C 149 -28.02 4.35 6.66
CA ARG C 149 -26.86 3.48 6.85
C ARG C 149 -27.07 2.41 7.91
N ASP C 150 -28.13 2.48 8.70
CA ASP C 150 -28.38 1.47 9.72
C ASP C 150 -29.56 0.57 9.40
N LEU C 151 -30.38 0.87 8.40
CA LEU C 151 -31.21 -0.12 7.73
C LEU C 151 -30.57 -0.66 6.46
N SER C 152 -29.37 -0.20 6.12
CA SER C 152 -28.62 -0.87 5.05
C SER C 152 -28.13 -2.25 5.45
N HIS C 153 -28.06 -2.57 6.74
CA HIS C 153 -27.48 -3.82 7.21
C HIS C 153 -28.44 -4.99 7.16
N ILE C 154 -29.71 -4.78 6.85
CA ILE C 154 -30.73 -5.82 6.95
C ILE C 154 -31.23 -6.27 5.58
N GLY C 155 -31.80 -5.36 4.81
CA GLY C 155 -32.43 -5.78 3.57
C GLY C 155 -31.88 -5.14 2.32
N ASP C 156 -32.75 -4.95 1.33
CA ASP C 156 -32.41 -4.25 0.10
C ASP C 156 -33.47 -3.22 -0.25
N ALA C 157 -34.37 -2.91 0.66
CA ALA C 157 -35.47 -2.01 0.38
C ALA C 157 -35.92 -1.34 1.66
N VAL C 158 -36.45 -0.12 1.52
CA VAL C 158 -36.98 0.65 2.64
C VAL C 158 -38.44 0.92 2.37
N VAL C 159 -39.30 0.57 3.31
CA VAL C 159 -40.74 0.79 3.18
C VAL C 159 -41.09 1.97 4.08
N ILE C 160 -41.04 3.18 3.52
CA ILE C 160 -41.39 4.36 4.29
C ILE C 160 -42.91 4.47 4.36
N SER C 161 -43.42 4.62 5.58
CA SER C 161 -44.86 4.77 5.81
C SER C 161 -45.13 6.13 6.41
N CYS C 162 -46.28 6.70 6.05
CA CYS C 162 -46.67 8.04 6.49
C CYS C 162 -47.71 7.94 7.61
N ALA C 163 -47.26 7.56 8.80
CA ALA C 163 -48.17 7.54 9.93
C ALA C 163 -48.36 8.96 10.47
N LYS C 164 -49.50 9.17 11.16
CA LYS C 164 -49.87 10.49 11.64
C LYS C 164 -48.98 10.94 12.79
N ASP C 165 -48.59 10.01 13.66
CA ASP C 165 -47.67 10.31 14.75
C ASP C 165 -46.24 9.99 14.35
N GLY C 166 -45.75 10.71 13.35
CA GLY C 166 -44.39 10.56 12.89
C GLY C 166 -44.25 9.57 11.76
N VAL C 167 -43.15 9.70 11.04
CA VAL C 167 -42.87 8.89 9.85
C VAL C 167 -42.26 7.56 10.29
N LYS C 168 -42.60 6.49 9.58
CA LYS C 168 -42.12 5.15 9.91
C LYS C 168 -41.26 4.61 8.78
N PHE C 169 -40.01 4.26 9.09
CA PHE C 169 -39.11 3.62 8.14
C PHE C 169 -39.03 2.13 8.48
N SER C 170 -39.32 1.27 7.52
CA SER C 170 -39.27 -0.16 7.72
C SER C 170 -38.36 -0.81 6.69
N ALA C 171 -37.89 -2.01 7.00
CA ALA C 171 -37.12 -2.81 6.05
C ALA C 171 -37.36 -4.28 6.35
N SER C 172 -38.21 -4.91 5.54
CA SER C 172 -38.34 -6.36 5.61
C SER C 172 -37.14 -6.96 4.88
N GLY C 173 -36.20 -7.50 5.64
CA GLY C 173 -35.01 -8.06 5.05
C GLY C 173 -34.79 -9.50 5.46
N GLU C 174 -33.55 -9.98 5.30
CA GLU C 174 -33.25 -11.35 5.71
C GLU C 174 -33.13 -11.48 7.23
N LEU C 175 -32.59 -10.47 7.91
CA LEU C 175 -32.36 -10.57 9.35
C LEU C 175 -33.62 -10.31 10.15
N GLY C 176 -34.66 -9.75 9.54
CA GLY C 176 -35.92 -9.53 10.20
C GLY C 176 -36.47 -8.18 9.86
N ASN C 177 -37.52 -7.79 10.57
CA ASN C 177 -38.14 -6.49 10.37
C ASN C 177 -37.23 -5.39 10.92
N GLY C 178 -37.43 -4.18 10.41
CA GLY C 178 -36.56 -3.07 10.77
C GLY C 178 -37.29 -1.78 11.04
N ASN C 179 -38.48 -1.87 11.62
CA ASN C 179 -39.42 -0.75 11.69
C ASN C 179 -38.96 0.29 12.69
N ILE C 180 -38.28 1.32 12.21
CA ILE C 180 -38.13 2.54 13.01
C ILE C 180 -39.47 3.27 13.01
N LYS C 181 -40.11 3.32 14.18
CA LYS C 181 -41.34 4.09 14.37
C LYS C 181 -40.92 5.43 14.95
N LEU C 182 -40.35 6.27 14.08
CA LEU C 182 -39.95 7.61 14.48
C LEU C 182 -41.18 8.47 14.74
N SER C 183 -41.07 9.36 15.72
CA SER C 183 -42.22 10.08 16.24
C SER C 183 -42.28 11.49 15.69
N GLN C 184 -43.46 12.10 15.81
CA GLN C 184 -43.66 13.47 15.40
C GLN C 184 -43.00 14.40 16.40
N THR C 185 -42.07 15.22 15.92
CA THR C 185 -41.30 16.13 16.76
C THR C 185 -41.53 17.54 16.24
N SER C 186 -42.41 18.29 16.89
CA SER C 186 -42.61 19.70 16.59
C SER C 186 -42.24 20.55 17.80
N ASN C 187 -41.12 20.21 18.42
CA ASN C 187 -40.67 20.91 19.62
C ASN C 187 -40.08 22.26 19.27
N VAL C 188 -40.33 23.25 20.14
CA VAL C 188 -39.81 24.59 19.93
C VAL C 188 -38.30 24.63 20.16
N ASP C 189 -37.81 23.93 21.19
CA ASP C 189 -36.43 24.06 21.63
C ASP C 189 -35.43 23.37 20.70
N LYS C 190 -35.90 22.48 19.83
CA LYS C 190 -35.07 21.96 18.74
C LYS C 190 -35.40 22.78 17.50
N GLU C 191 -34.45 23.63 17.10
CA GLU C 191 -34.70 24.63 16.06
C GLU C 191 -34.78 24.01 14.67
N GLU C 192 -33.87 23.08 14.36
CA GLU C 192 -33.83 22.45 13.06
C GLU C 192 -33.94 20.94 13.13
N GLU C 193 -33.79 20.34 14.30
CA GLU C 193 -33.88 18.89 14.46
C GLU C 193 -35.31 18.42 14.69
N ALA C 194 -36.27 19.34 14.71
CA ALA C 194 -37.66 18.98 14.89
C ALA C 194 -38.21 18.38 13.60
N VAL C 195 -38.82 17.20 13.72
CA VAL C 195 -39.36 16.49 12.56
C VAL C 195 -40.69 17.12 12.16
N THR C 196 -40.64 18.06 11.23
CA THR C 196 -41.81 18.84 10.85
C THR C 196 -42.51 18.17 9.67
N ILE C 197 -43.69 17.62 9.89
CA ILE C 197 -44.44 16.88 8.88
C ILE C 197 -45.69 17.69 8.52
N GLU C 198 -45.87 17.94 7.23
CA GLU C 198 -47.07 18.57 6.68
C GLU C 198 -47.71 17.58 5.73
N MET C 199 -48.53 16.69 6.26
CA MET C 199 -49.09 15.56 5.54
C MET C 199 -50.56 15.82 5.22
N ASN C 200 -50.93 15.63 3.95
CA ASN C 200 -52.33 15.71 3.54
C ASN C 200 -52.96 14.35 3.34
N GLU C 201 -52.16 13.29 3.15
CA GLU C 201 -52.66 11.95 2.93
C GLU C 201 -51.57 10.95 3.30
N PRO C 202 -51.88 9.87 4.00
CA PRO C 202 -50.86 8.84 4.25
C PRO C 202 -50.55 8.05 2.99
N VAL C 203 -49.28 7.61 2.90
CA VAL C 203 -48.84 6.80 1.77
C VAL C 203 -47.71 5.89 2.27
N GLN C 204 -47.61 4.71 1.66
CA GLN C 204 -46.61 3.72 2.05
C GLN C 204 -46.34 2.82 0.85
N LEU C 205 -45.14 2.95 0.27
CA LEU C 205 -44.73 2.06 -0.81
C LEU C 205 -43.21 1.92 -0.79
N THR C 206 -42.75 0.86 -1.43
CA THR C 206 -41.39 0.35 -1.26
C THR C 206 -40.38 1.21 -2.02
N PHE C 207 -39.30 1.61 -1.34
CA PHE C 207 -38.29 2.50 -1.89
C PHE C 207 -36.99 1.72 -2.06
N ALA C 208 -35.93 2.41 -2.48
CA ALA C 208 -34.64 1.77 -2.67
C ALA C 208 -33.73 2.05 -1.48
N LEU C 209 -32.63 1.31 -1.40
CA LEU C 209 -31.71 1.36 -0.27
C LEU C 209 -30.30 1.80 -0.65
N ARG C 210 -29.72 1.19 -1.68
CA ARG C 210 -28.36 1.52 -2.13
C ARG C 210 -28.30 2.94 -2.66
N TYR C 211 -29.36 3.38 -3.34
CA TYR C 211 -29.43 4.76 -3.79
C TYR C 211 -29.67 5.71 -2.64
N LEU C 212 -30.41 5.32 -1.59
CA LEU C 212 -30.56 6.18 -0.41
C LEU C 212 -29.25 6.32 0.37
N ASN C 213 -28.45 5.25 0.42
CA ASN C 213 -27.10 5.34 0.99
C ASN C 213 -26.20 6.24 0.14
N PHE C 214 -26.41 6.25 -1.18
CA PHE C 214 -25.73 7.23 -2.01
C PHE C 214 -26.26 8.65 -1.77
N PHE C 215 -27.55 8.77 -1.43
CA PHE C 215 -28.18 10.08 -1.23
C PHE C 215 -27.67 10.73 0.05
N THR C 216 -27.43 9.94 1.09
CA THR C 216 -27.03 10.48 2.39
C THR C 216 -25.53 10.80 2.49
N LYS C 217 -24.80 10.84 1.37
CA LYS C 217 -23.48 11.45 1.33
C LYS C 217 -23.54 12.96 1.20
N ALA C 218 -24.74 13.53 1.04
CA ALA C 218 -24.97 14.96 1.06
C ALA C 218 -25.27 15.48 2.45
N THR C 219 -25.06 14.64 3.46
CA THR C 219 -25.32 14.97 4.86
C THR C 219 -24.60 16.22 5.43
N PRO C 220 -23.31 16.51 5.20
CA PRO C 220 -22.75 17.71 5.83
C PRO C 220 -23.14 19.04 5.18
N LEU C 221 -23.92 19.01 4.09
CA LEU C 221 -24.39 20.23 3.45
C LEU C 221 -25.37 21.00 4.34
N SER C 222 -26.29 20.29 4.96
CA SER C 222 -27.36 20.91 5.73
C SER C 222 -27.65 20.05 6.94
N SER C 223 -28.24 20.67 7.94
CA SER C 223 -28.68 19.90 9.10
C SER C 223 -30.05 19.29 8.91
N THR C 224 -30.77 19.64 7.85
CA THR C 224 -32.13 19.18 7.62
C THR C 224 -32.23 18.45 6.29
N VAL C 225 -33.19 17.54 6.20
CA VAL C 225 -33.60 16.90 4.96
C VAL C 225 -35.06 17.24 4.75
N THR C 226 -35.37 17.87 3.62
CA THR C 226 -36.76 18.16 3.28
C THR C 226 -37.22 17.00 2.38
N LEU C 227 -37.47 15.87 3.02
CA LEU C 227 -37.86 14.65 2.33
C LEU C 227 -39.33 14.73 1.93
N SER C 228 -39.62 14.42 0.68
CA SER C 228 -40.95 14.60 0.12
C SER C 228 -41.34 13.38 -0.71
N MET C 229 -42.61 12.98 -0.62
CA MET C 229 -43.11 11.90 -1.45
C MET C 229 -44.61 12.04 -1.62
N SER C 230 -45.14 11.30 -2.60
CA SER C 230 -46.57 11.07 -2.75
C SER C 230 -46.74 9.68 -3.35
N ALA C 231 -47.96 9.41 -3.83
CA ALA C 231 -48.27 8.10 -4.39
C ALA C 231 -47.89 8.04 -5.86
N ASP C 232 -47.13 6.98 -6.22
CA ASP C 232 -46.70 6.66 -7.60
C ASP C 232 -45.90 7.80 -8.24
N VAL C 233 -44.96 8.35 -7.47
CA VAL C 233 -44.10 9.42 -7.96
C VAL C 233 -42.72 9.20 -7.36
N PRO C 234 -41.66 9.71 -8.01
CA PRO C 234 -40.35 9.75 -7.38
C PRO C 234 -40.30 10.53 -6.08
N LEU C 235 -39.43 10.05 -5.18
CA LEU C 235 -39.07 10.68 -3.93
C LEU C 235 -38.33 12.00 -4.19
N VAL C 236 -38.38 12.92 -3.23
CA VAL C 236 -37.47 14.05 -3.18
C VAL C 236 -36.67 13.93 -1.90
N VAL C 237 -35.35 13.96 -2.02
CA VAL C 237 -34.48 14.14 -0.85
C VAL C 237 -33.79 15.49 -1.07
N GLU C 238 -34.32 16.53 -0.45
CA GLU C 238 -33.87 17.89 -0.71
C GLU C 238 -32.87 18.31 0.35
N TYR C 239 -31.70 18.76 -0.10
CA TYR C 239 -30.66 19.27 0.78
C TYR C 239 -30.45 20.74 0.48
N LYS C 240 -30.63 21.59 1.49
CA LYS C 240 -30.55 23.05 1.30
C LYS C 240 -29.11 23.50 1.49
N ILE C 241 -28.48 23.94 0.40
CA ILE C 241 -27.07 24.31 0.43
C ILE C 241 -27.03 25.72 1.02
N ALA C 242 -26.93 25.80 2.35
CA ALA C 242 -26.84 27.02 3.16
C ALA C 242 -27.96 28.02 2.87
N ASP C 243 -27.65 29.02 2.03
CA ASP C 243 -28.63 29.92 1.46
C ASP C 243 -28.44 30.04 -0.05
N MET C 244 -27.84 29.04 -0.68
CA MET C 244 -27.50 29.10 -2.09
C MET C 244 -28.45 28.32 -2.98
N GLY C 245 -29.01 27.22 -2.51
CA GLY C 245 -29.93 26.47 -3.34
C GLY C 245 -30.25 25.12 -2.72
N HIS C 246 -30.84 24.27 -3.56
CA HIS C 246 -31.36 22.97 -3.16
C HIS C 246 -30.71 21.86 -3.96
N LEU C 247 -30.30 20.80 -3.29
CA LEU C 247 -29.77 19.61 -3.95
C LEU C 247 -30.83 18.53 -3.77
N LYS C 248 -31.80 18.52 -4.68
CA LYS C 248 -32.89 17.56 -4.64
C LYS C 248 -32.43 16.29 -5.31
N TYR C 249 -32.41 15.19 -4.57
CA TYR C 249 -32.20 13.91 -5.22
C TYR C 249 -33.56 13.26 -5.44
N TYR C 250 -33.68 12.53 -6.53
CA TYR C 250 -34.93 11.85 -6.85
C TYR C 250 -34.69 10.35 -6.93
N LEU C 251 -35.63 9.58 -6.40
CA LEU C 251 -35.51 8.13 -6.36
C LEU C 251 -36.71 7.50 -7.02
N ALA C 252 -36.47 6.67 -8.03
CA ALA C 252 -37.53 5.84 -8.59
C ALA C 252 -37.80 4.68 -7.65
N PRO C 253 -39.02 4.55 -7.11
CA PRO C 253 -39.29 3.48 -6.15
C PRO C 253 -39.74 2.18 -6.82
N PHE D 2 -39.48 -12.71 26.27
CA PHE D 2 -39.26 -12.10 27.57
C PHE D 2 -39.33 -10.58 27.39
N GLU D 3 -38.93 -9.81 28.40
CA GLU D 3 -38.85 -8.36 28.26
C GLU D 3 -37.75 -7.85 29.18
N ALA D 4 -36.69 -7.28 28.60
CA ALA D 4 -35.53 -6.84 29.38
C ALA D 4 -35.07 -5.47 28.89
N ARG D 5 -35.63 -4.42 29.48
CA ARG D 5 -35.17 -3.07 29.21
C ARG D 5 -33.79 -2.85 29.83
N LEU D 6 -32.93 -2.13 29.12
CA LEU D 6 -31.60 -1.81 29.60
C LEU D 6 -31.29 -0.37 29.23
N VAL D 7 -31.11 0.48 30.24
CA VAL D 7 -30.91 1.90 29.96
C VAL D 7 -29.47 2.22 29.57
N GLN D 8 -28.53 1.34 29.91
CA GLN D 8 -27.17 1.45 29.40
C GLN D 8 -26.99 0.44 28.26
N GLY D 9 -27.58 0.79 27.12
CA GLY D 9 -27.53 -0.09 25.96
C GLY D 9 -26.19 -0.16 25.28
N SER D 10 -25.30 0.78 25.57
CA SER D 10 -23.93 0.73 25.08
C SER D 10 -23.17 -0.47 25.63
N ILE D 11 -23.54 -0.95 26.82
CA ILE D 11 -22.93 -2.15 27.40
C ILE D 11 -23.29 -3.39 26.59
N LEU D 12 -24.56 -3.52 26.17
CA LEU D 12 -24.95 -4.64 25.32
C LEU D 12 -24.39 -4.51 23.91
N LYS D 13 -24.27 -3.28 23.41
CA LYS D 13 -23.61 -3.03 22.14
C LYS D 13 -22.14 -3.41 22.17
N LYS D 14 -21.46 -3.11 23.28
CA LYS D 14 -20.05 -3.47 23.42
C LYS D 14 -19.86 -4.96 23.61
N VAL D 15 -20.82 -5.63 24.27
CA VAL D 15 -20.81 -7.08 24.39
C VAL D 15 -20.92 -7.74 23.02
N LEU D 16 -21.83 -7.25 22.19
CA LEU D 16 -22.01 -7.87 20.88
C LEU D 16 -20.90 -7.51 19.88
N GLU D 17 -20.33 -6.31 19.97
CA GLU D 17 -19.15 -6.03 19.15
C GLU D 17 -17.89 -6.71 19.68
N ALA D 18 -17.88 -7.13 20.94
CA ALA D 18 -16.82 -8.00 21.42
C ALA D 18 -16.98 -9.41 20.89
N LEU D 19 -18.20 -9.93 20.88
CA LEU D 19 -18.47 -11.33 20.60
C LEU D 19 -18.75 -11.59 19.13
N LYS D 20 -18.75 -10.55 18.29
CA LYS D 20 -19.07 -10.72 16.88
C LYS D 20 -17.96 -11.46 16.13
N ASP D 21 -16.71 -11.03 16.32
CA ASP D 21 -15.62 -11.54 15.50
C ASP D 21 -15.07 -12.87 16.01
N LEU D 22 -15.37 -13.25 17.24
CA LEU D 22 -14.87 -14.51 17.78
C LEU D 22 -15.82 -15.66 17.50
N ILE D 23 -17.02 -15.59 18.03
CA ILE D 23 -18.00 -16.65 17.85
C ILE D 23 -19.09 -16.15 16.92
N ASN D 24 -19.77 -17.10 16.28
CA ASN D 24 -20.81 -16.78 15.33
C ASN D 24 -22.17 -17.35 15.70
N GLU D 25 -22.21 -18.59 16.17
CA GLU D 25 -23.43 -19.21 16.67
C GLU D 25 -23.39 -19.18 18.19
N ALA D 26 -24.38 -18.53 18.81
CA ALA D 26 -24.41 -18.39 20.25
C ALA D 26 -25.78 -18.81 20.76
N CYS D 27 -25.79 -19.53 21.89
CA CYS D 27 -27.02 -20.04 22.49
C CYS D 27 -27.30 -19.22 23.73
N TRP D 28 -28.11 -18.18 23.55
CA TRP D 28 -28.44 -17.24 24.62
C TRP D 28 -29.45 -17.90 25.55
N ASP D 29 -28.93 -18.69 26.49
CA ASP D 29 -29.75 -19.48 27.40
C ASP D 29 -30.26 -18.56 28.51
N ILE D 30 -31.30 -17.81 28.18
CA ILE D 30 -31.78 -16.74 29.04
C ILE D 30 -32.79 -17.30 30.02
N SER D 31 -32.51 -17.17 31.32
CA SER D 31 -33.37 -17.63 32.38
C SER D 31 -33.90 -16.44 33.16
N SER D 32 -34.65 -16.73 34.22
CA SER D 32 -35.15 -15.69 35.11
C SER D 32 -34.08 -15.20 36.07
N SER D 33 -32.98 -15.94 36.22
CA SER D 33 -31.86 -15.51 37.05
C SER D 33 -30.93 -14.54 36.34
N GLY D 34 -31.10 -14.33 35.05
CA GLY D 34 -30.31 -13.39 34.29
C GLY D 34 -29.94 -13.95 32.94
N VAL D 35 -29.53 -13.05 32.05
CA VAL D 35 -29.01 -13.44 30.74
C VAL D 35 -27.63 -14.05 30.91
N ASN D 36 -27.43 -15.24 30.36
CA ASN D 36 -26.10 -15.81 30.33
C ASN D 36 -25.90 -16.57 29.03
N LEU D 37 -24.64 -16.71 28.66
CA LEU D 37 -24.24 -17.35 27.43
C LEU D 37 -22.99 -18.17 27.72
N GLN D 38 -22.96 -19.41 27.23
CA GLN D 38 -21.84 -20.31 27.47
C GLN D 38 -21.64 -21.13 26.19
N SER D 39 -20.78 -20.64 25.32
CA SER D 39 -20.51 -21.30 24.05
C SER D 39 -19.03 -21.19 23.73
N MET D 40 -18.55 -22.11 22.91
CA MET D 40 -17.14 -22.20 22.57
C MET D 40 -16.84 -21.29 21.39
N ASP D 41 -15.65 -21.43 20.82
CA ASP D 41 -15.25 -20.68 19.64
C ASP D 41 -15.96 -21.21 18.39
N SER D 42 -15.78 -20.49 17.28
CA SER D 42 -16.16 -21.05 15.99
C SER D 42 -15.25 -22.21 15.59
N SER D 43 -14.00 -22.20 16.06
CA SER D 43 -13.07 -23.29 15.82
C SER D 43 -12.90 -24.20 17.04
N HIS D 44 -13.75 -24.02 18.07
CA HIS D 44 -13.82 -24.85 19.29
C HIS D 44 -12.50 -24.88 20.07
N VAL D 45 -11.84 -23.73 20.14
CA VAL D 45 -10.61 -23.58 20.90
C VAL D 45 -10.83 -22.72 22.15
N SER D 46 -11.50 -21.59 21.99
CA SER D 46 -11.76 -20.69 23.10
C SER D 46 -13.14 -20.97 23.71
N LEU D 47 -13.50 -20.16 24.70
CA LEU D 47 -14.80 -20.28 25.36
C LEU D 47 -15.21 -18.90 25.85
N VAL D 48 -16.46 -18.53 25.60
CA VAL D 48 -17.03 -17.27 26.07
C VAL D 48 -18.07 -17.59 27.13
N GLN D 49 -17.98 -16.93 28.28
CA GLN D 49 -18.97 -17.10 29.34
C GLN D 49 -19.51 -15.73 29.72
N LEU D 50 -20.53 -15.29 28.99
CA LEU D 50 -21.21 -14.03 29.29
C LEU D 50 -22.18 -14.25 30.43
N THR D 51 -22.27 -13.26 31.33
CA THR D 51 -23.28 -13.26 32.37
C THR D 51 -23.83 -11.85 32.50
N LEU D 52 -25.13 -11.70 32.35
CA LEU D 52 -25.81 -10.43 32.52
C LEU D 52 -26.96 -10.69 33.50
N ARG D 53 -26.76 -10.33 34.76
CA ARG D 53 -27.73 -10.65 35.78
C ARG D 53 -28.95 -9.75 35.67
N SER D 54 -30.10 -10.29 36.11
CA SER D 54 -31.37 -9.59 36.02
C SER D 54 -31.51 -8.46 37.04
N GLU D 55 -30.62 -8.35 38.01
CA GLU D 55 -30.64 -7.23 38.92
C GLU D 55 -30.13 -5.95 38.27
N GLY D 56 -29.29 -6.08 37.24
CA GLY D 56 -28.74 -4.90 36.59
C GLY D 56 -29.70 -4.23 35.61
N PHE D 57 -30.60 -5.00 35.01
CA PHE D 57 -31.60 -4.42 34.14
C PHE D 57 -32.68 -3.73 34.97
N ASP D 58 -33.17 -2.59 34.47
CA ASP D 58 -34.22 -1.87 35.20
C ASP D 58 -35.56 -2.59 35.14
N THR D 59 -35.94 -3.06 33.95
CA THR D 59 -37.16 -3.83 33.79
C THR D 59 -36.75 -5.24 33.35
N TYR D 60 -37.26 -6.24 34.06
CA TYR D 60 -37.02 -7.62 33.67
C TYR D 60 -38.29 -8.41 33.84
N ARG D 61 -38.49 -9.37 32.94
CA ARG D 61 -39.70 -10.20 32.93
C ARG D 61 -39.34 -11.46 32.17
N CYS D 62 -39.23 -12.58 32.87
CA CYS D 62 -38.89 -13.83 32.19
C CYS D 62 -39.73 -14.94 32.83
N ASP D 63 -40.91 -15.19 32.24
CA ASP D 63 -41.81 -16.19 32.77
C ASP D 63 -41.37 -17.60 32.41
N ARG D 64 -40.82 -17.78 31.22
CA ARG D 64 -40.40 -19.07 30.72
C ARG D 64 -38.92 -19.02 30.37
N ASN D 65 -38.20 -20.09 30.68
CA ASN D 65 -36.76 -20.17 30.41
C ASN D 65 -36.55 -20.32 28.90
N LEU D 66 -36.19 -19.21 28.25
CA LEU D 66 -36.05 -19.16 26.80
C LEU D 66 -34.58 -19.33 26.44
N ALA D 67 -34.26 -20.44 25.79
CA ALA D 67 -32.92 -20.69 25.28
C ALA D 67 -32.99 -20.58 23.76
N MET D 68 -32.61 -19.42 23.24
CA MET D 68 -32.67 -19.15 21.81
C MET D 68 -31.27 -18.97 21.23
N GLY D 69 -31.20 -19.08 19.90
CA GLY D 69 -29.94 -19.00 19.21
C GLY D 69 -29.90 -17.93 18.15
N VAL D 70 -28.94 -17.00 18.27
CA VAL D 70 -28.84 -15.86 17.37
C VAL D 70 -27.45 -15.84 16.73
N ASN D 71 -27.41 -15.56 15.43
CA ASN D 71 -26.16 -15.33 14.72
C ASN D 71 -25.66 -13.96 15.13
N LEU D 72 -24.46 -13.90 15.73
CA LEU D 72 -24.08 -12.65 16.37
C LEU D 72 -23.50 -11.63 15.40
N THR D 73 -23.22 -12.02 14.15
CA THR D 73 -22.91 -11.01 13.14
C THR D 73 -24.14 -10.18 12.80
N SER D 74 -25.28 -10.86 12.65
CA SER D 74 -26.57 -10.20 12.42
C SER D 74 -27.02 -9.37 13.62
N MET D 75 -26.91 -9.93 14.83
CA MET D 75 -27.26 -9.19 16.04
C MET D 75 -26.26 -8.07 16.31
N SER D 76 -25.01 -8.25 15.86
CA SER D 76 -24.02 -7.18 15.94
C SER D 76 -24.35 -6.04 15.00
N LYS D 77 -24.88 -6.35 13.81
CA LYS D 77 -25.33 -5.29 12.90
C LYS D 77 -26.57 -4.57 13.43
N ILE D 78 -27.49 -5.32 14.07
CA ILE D 78 -28.69 -4.73 14.63
C ILE D 78 -28.35 -3.84 15.83
N LEU D 79 -27.38 -4.25 16.65
CA LEU D 79 -26.92 -3.35 17.70
C LEU D 79 -25.94 -2.28 17.20
N LYS D 80 -25.38 -2.44 16.00
CA LYS D 80 -24.65 -1.34 15.37
C LYS D 80 -25.59 -0.26 14.89
N CYS D 81 -26.86 -0.61 14.62
CA CYS D 81 -27.84 0.42 14.33
C CYS D 81 -28.09 1.34 15.52
N ALA D 82 -28.15 0.78 16.73
CA ALA D 82 -28.53 1.53 17.92
C ALA D 82 -27.47 2.53 18.34
N GLY D 83 -27.93 3.65 18.89
CA GLY D 83 -27.04 4.71 19.32
C GLY D 83 -26.35 4.38 20.62
N ASN D 84 -25.45 5.27 21.01
CA ASN D 84 -24.59 5.03 22.17
C ASN D 84 -25.36 5.18 23.47
N GLU D 85 -26.20 6.21 23.58
CA GLU D 85 -26.98 6.43 24.78
C GLU D 85 -28.38 5.83 24.69
N ASP D 86 -28.56 4.83 23.83
CA ASP D 86 -29.87 4.27 23.56
C ASP D 86 -30.32 3.34 24.69
N ILE D 87 -31.62 3.32 24.94
CA ILE D 87 -32.23 2.40 25.89
C ILE D 87 -32.66 1.18 25.09
N ILE D 88 -31.84 0.14 25.12
CA ILE D 88 -32.07 -1.07 24.34
C ILE D 88 -32.88 -2.05 25.16
N THR D 89 -34.02 -2.47 24.62
CA THR D 89 -34.84 -3.52 25.20
C THR D 89 -34.70 -4.77 24.36
N LEU D 90 -34.79 -5.91 25.00
CA LEU D 90 -34.82 -7.20 24.32
C LEU D 90 -36.16 -7.84 24.61
N ARG D 91 -36.87 -8.23 23.56
CA ARG D 91 -38.19 -8.82 23.70
C ARG D 91 -38.26 -10.10 22.89
N ALA D 92 -38.99 -11.09 23.41
CA ALA D 92 -39.19 -12.33 22.70
C ALA D 92 -40.60 -12.83 22.95
N GLU D 93 -41.15 -13.53 21.97
CA GLU D 93 -42.45 -14.16 22.08
C GLU D 93 -42.24 -15.66 22.07
N ASP D 94 -43.04 -16.38 22.85
CA ASP D 94 -42.81 -17.81 23.05
C ASP D 94 -43.23 -18.63 21.84
N ASN D 95 -44.39 -18.32 21.24
CA ASN D 95 -44.93 -19.15 20.17
C ASN D 95 -44.29 -18.88 18.83
N ALA D 96 -43.88 -17.65 18.55
CA ALA D 96 -43.24 -17.28 17.30
C ALA D 96 -41.78 -16.95 17.54
N ASP D 97 -40.90 -17.49 16.72
CA ASP D 97 -39.45 -17.39 16.95
C ASP D 97 -38.91 -16.09 16.34
N THR D 98 -39.22 -14.99 16.99
CA THR D 98 -38.65 -13.69 16.68
C THR D 98 -38.17 -13.03 17.95
N LEU D 99 -37.00 -12.39 17.88
CA LEU D 99 -36.45 -11.63 19.00
C LEU D 99 -36.57 -10.15 18.66
N ALA D 100 -37.56 -9.49 19.25
CA ALA D 100 -37.74 -8.07 19.05
C ALA D 100 -36.71 -7.29 19.85
N LEU D 101 -36.09 -6.31 19.21
CA LEU D 101 -35.15 -5.41 19.88
C LEU D 101 -35.69 -4.00 19.72
N VAL D 102 -36.60 -3.59 20.59
CA VAL D 102 -37.16 -2.25 20.53
C VAL D 102 -36.15 -1.31 21.18
N PHE D 103 -35.55 -0.44 20.37
CA PHE D 103 -34.60 0.53 20.92
C PHE D 103 -35.34 1.80 21.31
N GLU D 104 -34.63 2.70 21.97
CA GLU D 104 -35.18 3.98 22.37
C GLU D 104 -34.08 5.03 22.27
N ALA D 105 -34.27 6.01 21.38
CA ALA D 105 -33.40 7.17 21.34
C ALA D 105 -33.58 7.99 22.62
N PRO D 106 -32.49 8.64 23.16
CA PRO D 106 -32.57 9.26 24.49
C PRO D 106 -33.13 10.69 24.48
N ASN D 107 -34.21 10.88 23.72
CA ASN D 107 -35.02 12.08 23.79
C ASN D 107 -36.51 11.74 23.74
N GLN D 108 -36.84 10.43 23.71
CA GLN D 108 -38.18 9.88 23.49
C GLN D 108 -38.82 10.39 22.20
N GLU D 109 -38.00 10.49 21.15
CA GLU D 109 -38.48 10.93 19.85
C GLU D 109 -38.24 9.96 18.71
N LYS D 110 -37.54 8.85 18.95
CA LYS D 110 -37.37 7.85 17.90
C LYS D 110 -37.36 6.46 18.53
N VAL D 111 -38.26 5.60 18.07
CA VAL D 111 -38.36 4.22 18.56
C VAL D 111 -37.98 3.30 17.42
N SER D 112 -36.98 2.46 17.65
CA SER D 112 -36.41 1.59 16.62
C SER D 112 -36.71 0.14 16.97
N ASP D 113 -37.62 -0.48 16.24
CA ASP D 113 -38.04 -1.86 16.49
C ASP D 113 -37.36 -2.78 15.50
N TYR D 114 -36.81 -3.90 15.98
CA TYR D 114 -36.01 -4.79 15.16
C TYR D 114 -36.28 -6.24 15.57
N GLU D 115 -36.91 -7.00 14.69
CA GLU D 115 -37.10 -8.42 14.92
C GLU D 115 -35.87 -9.20 14.48
N MET D 116 -35.54 -10.24 15.25
CA MET D 116 -34.40 -11.10 14.97
C MET D 116 -34.85 -12.53 14.74
N LYS D 117 -34.45 -13.11 13.60
CA LYS D 117 -34.82 -14.47 13.24
C LYS D 117 -33.97 -15.45 14.04
N LEU D 118 -34.60 -16.13 15.00
CA LEU D 118 -33.94 -17.18 15.75
C LEU D 118 -33.76 -18.42 14.89
N MET D 119 -32.79 -19.25 15.26
CA MET D 119 -32.54 -20.51 14.55
C MET D 119 -32.22 -21.61 15.54
N ASP D 120 -32.77 -22.80 15.28
CA ASP D 120 -32.60 -23.94 16.17
C ASP D 120 -31.23 -24.56 15.98
N LEU D 121 -30.55 -24.83 17.08
CA LEU D 121 -29.24 -25.47 17.08
C LEU D 121 -29.05 -26.15 18.44
N ASP D 122 -27.93 -26.85 18.57
CA ASP D 122 -27.64 -27.57 19.81
C ASP D 122 -27.23 -26.61 20.91
N VAL D 123 -27.90 -26.71 22.06
CA VAL D 123 -27.62 -25.83 23.19
C VAL D 123 -26.43 -26.41 23.95
N GLU D 124 -25.38 -25.59 24.08
CA GLU D 124 -24.17 -26.02 24.77
C GLU D 124 -24.39 -26.02 26.28
N GLN D 125 -24.01 -27.11 26.93
CA GLN D 125 -24.21 -27.35 28.35
C GLN D 125 -22.91 -27.86 28.97
N LEU D 126 -21.83 -27.12 28.74
CA LEU D 126 -20.50 -27.56 29.18
C LEU D 126 -20.33 -27.41 30.68
N GLY D 127 -20.37 -26.18 31.18
CA GLY D 127 -20.11 -25.92 32.58
C GLY D 127 -18.63 -25.89 32.91
N ILE D 128 -18.33 -25.26 34.04
CA ILE D 128 -16.96 -25.17 34.53
C ILE D 128 -16.96 -25.11 36.06
N PRO D 129 -16.20 -25.96 36.74
CA PRO D 129 -16.03 -25.79 38.19
C PRO D 129 -15.08 -24.65 38.51
N GLU D 130 -15.23 -24.11 39.71
CA GLU D 130 -14.39 -23.02 40.19
C GLU D 130 -13.04 -23.58 40.62
N GLN D 131 -12.02 -23.39 39.79
CA GLN D 131 -10.69 -23.85 40.14
C GLN D 131 -10.03 -22.89 41.11
N GLU D 132 -9.02 -23.39 41.81
CA GLU D 132 -8.16 -22.57 42.64
C GLU D 132 -7.24 -21.80 41.71
N TYR D 133 -7.67 -20.62 41.31
CA TYR D 133 -6.87 -19.75 40.45
C TYR D 133 -5.78 -19.13 41.28
N SER D 134 -4.53 -19.52 41.01
CA SER D 134 -3.41 -19.13 41.85
C SER D 134 -3.01 -17.69 41.59
N CYS D 135 -2.56 -17.39 40.38
CA CYS D 135 -2.11 -16.05 40.03
C CYS D 135 -3.26 -15.30 39.38
N VAL D 136 -3.78 -14.29 40.08
CA VAL D 136 -4.84 -13.43 39.59
C VAL D 136 -4.24 -12.06 39.33
N VAL D 137 -4.26 -11.63 38.07
CA VAL D 137 -3.70 -10.35 37.68
C VAL D 137 -4.85 -9.43 37.32
N LYS D 138 -4.92 -8.29 38.00
CA LYS D 138 -5.98 -7.32 37.75
C LYS D 138 -5.35 -6.09 37.09
N MET D 139 -5.18 -6.15 35.78
CA MET D 139 -4.66 -5.00 35.06
C MET D 139 -5.77 -4.21 34.40
N PRO D 140 -5.51 -2.94 34.08
CA PRO D 140 -6.44 -2.21 33.22
C PRO D 140 -6.48 -2.75 31.79
N SER D 141 -7.63 -2.53 31.15
CA SER D 141 -7.86 -3.08 29.83
C SER D 141 -7.13 -2.32 28.75
N GLY D 142 -6.74 -1.07 29.01
CA GLY D 142 -5.94 -0.33 28.06
C GLY D 142 -4.56 -0.91 27.87
N GLU D 143 -3.89 -1.28 28.97
CA GLU D 143 -2.59 -1.92 28.84
C GLU D 143 -2.70 -3.36 28.38
N PHE D 144 -3.81 -4.06 28.65
CA PHE D 144 -3.94 -5.41 28.14
C PHE D 144 -4.20 -5.41 26.63
N ALA D 145 -4.97 -4.44 26.15
CA ALA D 145 -5.17 -4.30 24.71
C ALA D 145 -3.89 -3.85 24.03
N ARG D 146 -3.11 -2.98 24.69
CA ARG D 146 -1.80 -2.58 24.19
C ARG D 146 -0.83 -3.75 24.13
N ILE D 147 -0.84 -4.60 25.16
CA ILE D 147 0.10 -5.71 25.24
C ILE D 147 -0.23 -6.80 24.23
N CYS D 148 -1.50 -7.14 24.06
CA CYS D 148 -1.86 -8.17 23.09
C CYS D 148 -1.77 -7.67 21.65
N ARG D 149 -2.24 -6.44 21.40
CA ARG D 149 -2.17 -5.82 20.08
C ARG D 149 -0.75 -5.49 19.66
N ASP D 150 0.17 -5.33 20.61
CA ASP D 150 1.54 -5.00 20.29
C ASP D 150 2.50 -6.17 20.46
N LEU D 151 2.08 -7.28 21.06
CA LEU D 151 2.83 -8.52 20.97
C LEU D 151 2.37 -9.39 19.82
N SER D 152 1.22 -9.06 19.20
CA SER D 152 0.85 -9.72 17.96
C SER D 152 1.71 -9.27 16.79
N HIS D 153 2.40 -8.14 16.91
CA HIS D 153 3.31 -7.67 15.87
C HIS D 153 4.57 -8.52 15.77
N ILE D 154 4.93 -9.24 16.84
CA ILE D 154 6.14 -10.05 16.83
C ILE D 154 5.80 -11.52 16.62
N GLY D 155 5.07 -12.11 17.57
CA GLY D 155 4.86 -13.53 17.61
C GLY D 155 3.39 -13.93 17.50
N ASP D 156 3.17 -15.23 17.67
CA ASP D 156 1.84 -15.81 17.70
C ASP D 156 1.51 -16.41 19.05
N ALA D 157 2.45 -16.39 20.01
CA ALA D 157 2.23 -16.95 21.32
C ALA D 157 2.80 -16.01 22.36
N VAL D 158 2.06 -15.80 23.45
CA VAL D 158 2.51 -14.98 24.56
C VAL D 158 2.83 -15.91 25.73
N VAL D 159 4.08 -15.90 26.15
CA VAL D 159 4.50 -16.65 27.33
C VAL D 159 4.27 -15.70 28.52
N ILE D 160 3.20 -15.94 29.26
CA ILE D 160 2.85 -15.10 30.41
C ILE D 160 3.59 -15.65 31.62
N SER D 161 4.54 -14.88 32.13
CA SER D 161 5.35 -15.28 33.27
C SER D 161 4.89 -14.47 34.47
N CYS D 162 3.87 -14.98 35.17
CA CYS D 162 3.46 -14.37 36.43
C CYS D 162 4.48 -14.68 37.51
N ALA D 163 4.73 -13.72 38.39
CA ALA D 163 5.70 -13.87 39.46
C ALA D 163 5.19 -13.12 40.68
N LYS D 164 6.08 -12.90 41.63
CA LYS D 164 5.72 -12.28 42.90
C LYS D 164 5.46 -10.79 42.76
N ASP D 165 6.36 -10.07 42.09
CA ASP D 165 6.29 -8.62 42.01
C ASP D 165 5.82 -8.10 40.66
N GLY D 166 6.06 -8.83 39.59
CA GLY D 166 5.70 -8.36 38.27
C GLY D 166 5.35 -9.50 37.35
N VAL D 167 4.46 -9.23 36.41
CA VAL D 167 4.04 -10.20 35.40
C VAL D 167 4.70 -9.82 34.07
N LYS D 168 5.21 -10.83 33.37
CA LYS D 168 5.94 -10.63 32.13
C LYS D 168 5.15 -11.22 30.99
N PHE D 169 5.06 -10.50 29.89
CA PHE D 169 4.37 -10.96 28.69
C PHE D 169 5.42 -11.09 27.60
N SER D 170 5.82 -12.32 27.30
CA SER D 170 6.93 -12.56 26.38
C SER D 170 6.40 -13.19 25.11
N ALA D 171 6.71 -12.58 23.98
CA ALA D 171 6.45 -13.15 22.67
C ALA D 171 7.74 -13.10 21.87
N SER D 172 8.03 -14.17 21.15
CA SER D 172 9.26 -14.25 20.35
C SER D 172 8.92 -14.87 19.02
N GLY D 173 8.97 -14.07 17.96
CA GLY D 173 8.76 -14.55 16.61
C GLY D 173 9.96 -14.25 15.75
N GLU D 174 9.79 -14.26 14.42
CA GLU D 174 10.91 -14.02 13.52
C GLU D 174 11.32 -12.56 13.48
N LEU D 175 10.45 -11.66 13.91
CA LEU D 175 10.74 -10.23 13.91
C LEU D 175 11.42 -9.76 15.18
N GLY D 176 11.66 -10.65 16.14
CA GLY D 176 12.32 -10.25 17.37
C GLY D 176 11.80 -10.94 18.61
N ASN D 177 11.92 -10.29 19.75
CA ASN D 177 11.58 -10.89 21.04
C ASN D 177 11.09 -9.76 21.93
N GLY D 178 9.78 -9.71 22.16
CA GLY D 178 9.22 -8.75 23.09
C GLY D 178 9.11 -9.36 24.48
N ASN D 179 9.23 -8.50 25.49
CA ASN D 179 9.12 -8.93 26.88
C ASN D 179 8.63 -7.73 27.68
N ILE D 180 7.34 -7.70 27.96
CA ILE D 180 6.70 -6.55 28.60
C ILE D 180 6.48 -6.87 30.07
N LYS D 181 7.16 -6.16 30.93
CA LYS D 181 6.99 -6.30 32.37
C LYS D 181 6.04 -5.24 32.88
N LEU D 182 5.29 -5.59 33.92
CA LEU D 182 4.37 -4.66 34.58
C LEU D 182 4.59 -4.76 36.07
N SER D 183 5.04 -3.67 36.68
CA SER D 183 5.21 -3.64 38.12
C SER D 183 3.84 -3.61 38.81
N GLN D 184 3.79 -4.19 40.01
CA GLN D 184 2.57 -4.22 40.79
C GLN D 184 2.29 -2.83 41.34
N THR D 185 1.50 -2.04 40.62
CA THR D 185 1.30 -0.64 40.93
C THR D 185 0.35 -0.48 42.11
N SER D 186 0.79 0.29 43.11
CA SER D 186 -0.05 0.59 44.26
C SER D 186 0.07 2.03 44.74
N ASN D 187 0.84 2.88 44.07
CA ASN D 187 1.07 4.24 44.53
C ASN D 187 0.47 5.31 43.63
N VAL D 188 0.62 5.20 42.31
CA VAL D 188 0.05 6.19 41.40
C VAL D 188 -1.11 5.53 40.66
N ASP D 189 -2.31 5.67 41.23
CA ASP D 189 -3.52 5.06 40.68
C ASP D 189 -4.74 5.81 41.20
N LYS D 190 -5.85 5.62 40.49
CA LYS D 190 -7.15 6.11 40.93
C LYS D 190 -8.11 4.96 41.23
N GLU D 191 -7.54 3.83 41.69
CA GLU D 191 -8.19 2.51 41.85
C GLU D 191 -8.81 1.97 40.55
N GLU D 192 -8.32 2.42 39.40
CA GLU D 192 -8.67 1.85 38.11
C GLU D 192 -7.47 1.71 37.19
N GLU D 193 -6.33 2.32 37.51
CA GLU D 193 -5.14 2.26 36.69
C GLU D 193 -4.08 1.34 37.27
N ALA D 194 -4.41 0.57 38.29
CA ALA D 194 -3.43 -0.21 39.04
C ALA D 194 -3.43 -1.66 38.59
N VAL D 195 -2.23 -2.23 38.50
CA VAL D 195 -2.04 -3.65 38.23
C VAL D 195 -1.71 -4.32 39.55
N THR D 196 -2.55 -5.24 39.99
CA THR D 196 -2.27 -5.99 41.21
C THR D 196 -2.27 -7.49 40.91
N ILE D 197 -1.28 -8.18 41.45
CA ILE D 197 -1.04 -9.59 41.20
C ILE D 197 -1.13 -10.33 42.52
N GLU D 198 -1.92 -11.41 42.56
CA GLU D 198 -2.11 -12.15 43.79
C GLU D 198 -0.97 -13.16 43.97
N MET D 199 -0.39 -13.14 45.17
CA MET D 199 0.78 -13.97 45.49
C MET D 199 0.30 -15.35 45.90
N ASN D 200 0.40 -16.30 44.97
CA ASN D 200 0.27 -17.70 45.32
C ASN D 200 1.52 -18.50 44.93
N GLU D 201 1.91 -18.44 43.66
CA GLU D 201 3.07 -19.15 43.12
C GLU D 201 3.46 -18.48 41.81
N PRO D 202 4.74 -18.52 41.43
CA PRO D 202 5.13 -18.02 40.12
C PRO D 202 4.64 -18.93 39.00
N VAL D 203 3.84 -18.38 38.10
CA VAL D 203 3.13 -19.14 37.08
C VAL D 203 3.66 -18.72 35.72
N GLN D 204 4.16 -19.69 34.94
CA GLN D 204 4.72 -19.42 33.63
C GLN D 204 4.26 -20.49 32.64
N LEU D 205 3.38 -20.10 31.72
CA LEU D 205 2.94 -20.98 30.64
C LEU D 205 2.46 -20.13 29.48
N THR D 206 2.64 -20.65 28.27
CA THR D 206 2.40 -19.88 27.06
C THR D 206 0.93 -19.89 26.69
N PHE D 207 0.48 -18.82 26.03
CA PHE D 207 -0.85 -18.77 25.46
C PHE D 207 -0.74 -18.15 24.08
N ALA D 208 -1.54 -18.65 23.15
CA ALA D 208 -1.47 -18.20 21.78
C ALA D 208 -2.09 -16.82 21.62
N LEU D 209 -1.73 -16.16 20.54
CA LEU D 209 -2.33 -14.91 20.12
C LEU D 209 -3.51 -15.21 19.22
N ARG D 210 -3.95 -14.23 18.41
CA ARG D 210 -5.19 -14.18 17.63
C ARG D 210 -6.42 -14.26 18.54
N TYR D 211 -6.64 -15.41 19.19
CA TYR D 211 -7.74 -15.60 20.13
C TYR D 211 -7.64 -14.66 21.33
N LEU D 212 -6.42 -14.35 21.76
CA LEU D 212 -6.27 -13.37 22.84
C LEU D 212 -6.55 -11.95 22.34
N ASN D 213 -6.38 -11.69 21.04
CA ASN D 213 -6.79 -10.40 20.48
C ASN D 213 -8.32 -10.30 20.37
N PHE D 214 -9.00 -11.40 20.02
CA PHE D 214 -10.47 -11.36 20.09
C PHE D 214 -10.96 -11.30 21.54
N PHE D 215 -10.18 -11.82 22.47
CA PHE D 215 -10.48 -11.65 23.90
C PHE D 215 -10.37 -10.20 24.32
N THR D 216 -9.35 -9.50 23.86
CA THR D 216 -9.22 -8.09 24.24
C THR D 216 -9.93 -7.15 23.29
N LYS D 217 -10.71 -7.69 22.34
CA LYS D 217 -11.72 -6.91 21.63
C LYS D 217 -12.85 -6.40 22.56
N ALA D 218 -13.01 -7.00 23.75
CA ALA D 218 -13.92 -6.54 24.80
C ALA D 218 -13.34 -5.44 25.68
N THR D 219 -12.33 -4.71 25.19
CA THR D 219 -11.76 -3.57 25.90
C THR D 219 -12.73 -2.45 26.32
N PRO D 220 -13.70 -1.97 25.51
CA PRO D 220 -14.56 -0.90 26.04
C PRO D 220 -15.63 -1.34 27.04
N LEU D 221 -15.72 -2.63 27.36
CA LEU D 221 -16.69 -3.10 28.34
C LEU D 221 -16.30 -2.72 29.76
N SER D 222 -14.99 -2.73 30.05
CA SER D 222 -14.54 -2.44 31.40
C SER D 222 -13.18 -1.76 31.34
N SER D 223 -12.84 -1.09 32.44
CA SER D 223 -11.49 -0.58 32.62
C SER D 223 -10.60 -1.51 33.41
N THR D 224 -11.08 -2.73 33.72
CA THR D 224 -10.32 -3.71 34.48
C THR D 224 -10.35 -5.05 33.77
N VAL D 225 -9.22 -5.75 33.75
CA VAL D 225 -9.14 -7.12 33.26
C VAL D 225 -8.65 -7.98 34.40
N THR D 226 -9.46 -8.94 34.83
CA THR D 226 -9.01 -9.95 35.77
C THR D 226 -8.40 -11.09 34.97
N LEU D 227 -7.12 -11.36 35.19
CA LEU D 227 -6.41 -12.44 34.52
C LEU D 227 -6.11 -13.51 35.55
N SER D 228 -7.04 -14.44 35.73
CA SER D 228 -6.88 -15.53 36.67
C SER D 228 -6.32 -16.74 35.93
N MET D 229 -5.28 -17.35 36.50
CA MET D 229 -4.63 -18.48 35.83
C MET D 229 -3.99 -19.39 36.86
N SER D 230 -3.71 -20.61 36.41
CA SER D 230 -2.92 -21.58 37.16
C SER D 230 -1.99 -22.26 36.17
N ALA D 231 -1.24 -23.26 36.65
CA ALA D 231 -0.17 -23.86 35.85
C ALA D 231 -0.67 -24.78 34.74
N ASP D 232 -1.92 -25.21 34.79
CA ASP D 232 -2.48 -26.10 33.77
C ASP D 232 -3.81 -25.60 33.22
N VAL D 233 -4.58 -24.87 34.02
CA VAL D 233 -5.96 -24.49 33.74
C VAL D 233 -5.97 -23.42 32.66
N PRO D 234 -6.91 -23.42 31.72
CA PRO D 234 -7.12 -22.27 30.82
C PRO D 234 -7.44 -20.99 31.61
N LEU D 235 -6.92 -19.87 31.12
CA LEU D 235 -6.96 -18.66 31.93
C LEU D 235 -8.34 -18.01 31.82
N VAL D 236 -8.73 -17.33 32.87
CA VAL D 236 -9.92 -16.48 32.85
C VAL D 236 -9.49 -15.08 32.44
N VAL D 237 -10.03 -14.60 31.35
CA VAL D 237 -9.89 -13.20 30.97
C VAL D 237 -11.26 -12.60 31.28
N GLU D 238 -11.41 -12.08 32.49
CA GLU D 238 -12.72 -11.62 32.95
C GLU D 238 -12.87 -10.13 32.72
N TYR D 239 -13.98 -9.76 32.09
CA TYR D 239 -14.35 -8.36 31.90
C TYR D 239 -15.57 -8.08 32.75
N LYS D 240 -15.44 -7.14 33.67
CA LYS D 240 -16.53 -6.82 34.59
C LYS D 240 -17.58 -5.99 33.85
N ILE D 241 -18.73 -6.60 33.59
CA ILE D 241 -19.79 -5.98 32.81
C ILE D 241 -20.61 -5.05 33.70
N ALA D 242 -20.18 -3.78 33.76
CA ALA D 242 -20.97 -2.61 34.19
C ALA D 242 -21.50 -2.73 35.63
N ASP D 243 -20.68 -3.38 36.48
CA ASP D 243 -20.98 -3.96 37.80
C ASP D 243 -22.36 -4.63 37.90
N MET D 244 -22.70 -5.41 36.88
CA MET D 244 -23.93 -6.19 36.89
C MET D 244 -23.72 -7.57 36.29
N GLY D 245 -22.49 -7.95 36.00
CA GLY D 245 -22.20 -9.25 35.44
C GLY D 245 -20.75 -9.32 35.01
N HIS D 246 -20.40 -10.44 34.38
CA HIS D 246 -19.05 -10.65 33.91
C HIS D 246 -19.06 -11.28 32.53
N LEU D 247 -17.99 -11.03 31.77
CA LEU D 247 -17.76 -11.68 30.50
C LEU D 247 -16.45 -12.45 30.65
N LYS D 248 -16.56 -13.76 30.86
CA LYS D 248 -15.40 -14.59 31.03
C LYS D 248 -14.94 -15.16 29.70
N TYR D 249 -13.64 -15.18 29.51
CA TYR D 249 -13.01 -15.75 28.34
C TYR D 249 -12.05 -16.84 28.79
N TYR D 250 -12.01 -17.95 28.07
CA TYR D 250 -11.18 -19.09 28.44
C TYR D 250 -10.36 -19.51 27.24
N LEU D 251 -9.06 -19.70 27.42
CA LEU D 251 -8.18 -20.13 26.34
C LEU D 251 -7.28 -21.25 26.80
N ALA D 252 -7.36 -22.39 26.13
CA ALA D 252 -6.49 -23.51 26.43
C ALA D 252 -5.06 -23.22 25.98
N PRO D 253 -4.06 -23.28 26.89
CA PRO D 253 -2.66 -22.99 26.58
C PRO D 253 -2.00 -23.93 25.59
#